data_7X4M
#
_entry.id   7X4M
#
_cell.length_a   1.00
_cell.length_b   1.00
_cell.length_c   1.00
_cell.angle_alpha   90.00
_cell.angle_beta   90.00
_cell.angle_gamma   90.00
#
_symmetry.space_group_name_H-M   'P 1'
#
loop_
_entity.id
_entity.type
_entity.pdbx_description
1 polymer '8A10 light chain'
2 polymer '8A10 heavy chain'
3 polymer 'Virion protein 1'
4 polymer VP2
5 polymer VP3
6 polymer 'Capsid protein VP4'
7 non-polymer 'PALMITIC ACID'
#
loop_
_entity_poly.entity_id
_entity_poly.type
_entity_poly.pdbx_seq_one_letter_code
_entity_poly.pdbx_strand_id
1 'polypeptide(L)'
;DIQMTQTKSSLSASLGDRVTISCRASQDISNYLNWYQQKPDGSVKLLIYYTSTLHSGVPSRFSGSGSGTDYSLTINSLEQ
EDIATYFCQQGNTFPFTFGGGTKLEIRR
;
L
2 'polypeptide(L)'
;QVQLQQSAAELARPGASVKMSCKASGYTFTTYTMHWVKQRPGQGLEWIGYINPSSRYTEYNQKFKDKTTLTADKSSSTAY
MQLSSLTFEDSAVYYCARRSEADRFVYWGQGTLVTVSA
;
H
3 'polypeptide(L)'
;GPVEESVDRAVARVADTISSRPTNSESIPALTAAETGHTSQVVPSDTMQTRHVKNYHSRSESSIENFLCRSACVYYATYT
NNSKKGFAEWVINTRQVAQLRRKLELFTYLRFDLELTFVITSAQQPSTASSVDAPVQTHQIMYVPPGGPVPTKVKDYAWQ
TSTNPSVFWTEGNAPPRMSIPFISIGNAYSCFYDGWTQFSRNGVYGINTLNNMGTLYMRHVNEAGQGPIKSTVRIYFKPK
HVKAWVPRPPRLCQYEKQKNVNFSPIGVTTSRTDIITT
;
A
4 'polypeptide(L)'
;SPSAEECGYSDRVRSITLGNSTITTQECANVVVGYGVWPEYLKDNEATAEDQPTQPDVATCRFYTLESVQWMKNSAGWWW
KLPDALSQMGLFGQNMQYHYLGRTGYTIHVQCNASKFHQGCLLVVCVPEAEMGCSNLNNTPEFSELSGGDSARMFTDTQV
GESNAKKVQTAVWNAGMGVGVGNLTIFPHQWINLRTNNSATLVMPYINSVPMDNMFRHNNLTLMIIPFVPLNYSEGSSPY
VPITVTIAPMCAEYNGLRLASNQ
;
B
5 'polypeptide(L)'
;GLPVMTTPGSTQFLTSDDFQSPSAMPQFDVTPEMQIPGRVNNLMEIAEVDSVVPVNNTEDNVSSLKAYQIPVQSNSDNGK
QVFGFPLQPGANNVLNRTLLGEILNYYTHWSGSIKLTFMFCGSAMATGKFLLAYSPPGAGVPKNRKDAMLGTHVIWDVGL
QSSCVLCVPWISQTHYRYVVEDEYTAAGYVTCWYQTNIVVPADVQSSCDILCFVSACNDFSVRMLKDTPFIRQDTFYQ
;
C
6 'polypeptide(L)' MGAQVSTQKTGAHETGLNASGNSVIHYTNINYYKDAASNSANRQDFTQDPGKFTEPVKDIMVKTMPALN D
#
loop_
_chem_comp.id
_chem_comp.type
_chem_comp.name
_chem_comp.formula
PLM non-polymer 'PALMITIC ACID' 'C16 H32 O2'
#
# COMPACT_ATOMS: atom_id res chain seq x y z
N ASP A 1 -11.94 -29.11 1.28
CA ASP A 1 -11.54 -29.54 2.62
C ASP A 1 -10.47 -30.62 2.53
N ILE A 2 -9.26 -30.29 2.97
CA ILE A 2 -8.11 -31.18 2.88
C ILE A 2 -7.96 -31.90 4.21
N GLN A 3 -8.00 -33.23 4.16
CA GLN A 3 -7.79 -34.03 5.37
C GLN A 3 -6.31 -34.17 5.63
N MET A 4 -5.87 -33.77 6.82
CA MET A 4 -4.47 -33.70 7.19
C MET A 4 -4.16 -34.85 8.15
N THR A 5 -3.67 -35.96 7.59
CA THR A 5 -3.42 -37.17 8.36
C THR A 5 -2.10 -36.92 9.07
N GLN A 6 -1.99 -37.43 10.29
CA GLN A 6 -0.76 -37.25 11.06
C GLN A 6 -0.05 -38.59 11.27
N SER A 9 1.06 -41.69 15.69
CA SER A 9 0.12 -41.32 16.74
C SER A 9 0.58 -41.12 18.18
N SER A 10 1.62 -41.87 18.56
CA SER A 10 2.32 -41.66 19.82
C SER A 10 3.71 -42.22 19.66
N LEU A 11 4.68 -41.34 19.42
CA LEU A 11 6.03 -41.76 19.10
C LEU A 11 6.92 -41.72 20.35
N SER A 12 7.73 -42.75 20.51
CA SER A 12 8.58 -42.89 21.68
C SER A 12 10.04 -42.73 21.29
N ALA A 13 10.78 -41.96 22.08
CA ALA A 13 12.20 -41.78 21.86
C ALA A 13 12.89 -41.56 23.19
N SER A 14 14.17 -41.89 23.26
CA SER A 14 14.96 -41.68 24.46
C SER A 14 15.65 -40.32 24.40
N LEU A 15 16.44 -40.03 25.43
CA LEU A 15 17.12 -38.75 25.51
C LEU A 15 18.35 -38.71 24.62
N GLY A 16 18.49 -37.63 23.86
CA GLY A 16 19.70 -37.39 23.09
C GLY A 16 19.79 -38.10 21.77
N ASP A 17 18.66 -38.42 21.14
CA ASP A 17 18.67 -39.10 19.86
C ASP A 17 17.87 -38.32 18.82
N ARG A 18 17.76 -38.91 17.63
CA ARG A 18 17.13 -38.27 16.49
C ARG A 18 15.68 -38.70 16.40
N VAL A 19 14.77 -37.73 16.47
CA VAL A 19 13.33 -37.97 16.47
C VAL A 19 12.77 -37.42 15.17
N THR A 20 11.81 -38.12 14.58
CA THR A 20 11.22 -37.71 13.31
C THR A 20 9.72 -37.90 13.35
N ILE A 21 8.99 -36.81 13.14
CA ILE A 21 7.53 -36.81 13.10
C ILE A 21 7.11 -36.43 11.68
N SER A 22 6.13 -37.16 11.14
CA SER A 22 5.68 -36.94 9.78
C SER A 22 4.16 -36.83 9.74
N CYS A 23 3.66 -36.05 8.79
CA CYS A 23 2.22 -35.99 8.52
C CYS A 23 2.01 -35.82 7.03
N ARG A 24 0.99 -36.50 6.52
CA ARG A 24 0.72 -36.60 5.09
C ARG A 24 -0.56 -35.86 4.76
N ALA A 25 -0.51 -35.03 3.73
CA ALA A 25 -1.68 -34.28 3.28
C ALA A 25 -2.59 -35.16 2.44
N SER A 26 -3.74 -34.62 2.05
CA SER A 26 -4.64 -35.33 1.15
C SER A 26 -4.28 -35.13 -0.31
N GLN A 27 -4.07 -33.88 -0.72
CA GLN A 27 -3.54 -33.57 -2.04
C GLN A 27 -2.40 -32.57 -1.91
N ASP A 28 -1.95 -32.04 -3.05
CA ASP A 28 -0.79 -31.16 -3.06
C ASP A 28 -1.11 -29.81 -2.43
N ILE A 29 -0.41 -29.48 -1.35
CA ILE A 29 -0.60 -28.23 -0.63
C ILE A 29 0.46 -27.21 -0.96
N SER A 30 1.52 -27.60 -1.69
CA SER A 30 2.54 -26.70 -2.26
C SER A 30 3.30 -25.92 -1.20
N ASN A 31 3.94 -26.65 -0.30
CA ASN A 31 4.87 -26.13 0.71
C ASN A 31 4.22 -25.15 1.69
N TYR A 32 2.93 -25.29 1.95
CA TYR A 32 2.24 -24.45 2.94
C TYR A 32 1.88 -25.31 4.14
N LEU A 33 2.83 -25.44 5.05
CA LEU A 33 2.64 -26.22 6.26
C LEU A 33 3.19 -25.45 7.44
N ASN A 34 2.56 -25.62 8.59
CA ASN A 34 2.99 -24.98 9.82
C ASN A 34 2.96 -26.01 10.94
N TRP A 35 3.99 -25.99 11.78
CA TRP A 35 4.10 -26.93 12.88
C TRP A 35 3.94 -26.17 14.19
N TYR A 36 3.09 -26.69 15.08
CA TYR A 36 2.84 -26.09 16.38
C TYR A 36 3.21 -27.09 17.47
N GLN A 37 3.48 -26.56 18.66
CA GLN A 37 3.90 -27.38 19.80
C GLN A 37 3.03 -27.03 21.00
N GLN A 38 2.35 -28.02 21.54
CA GLN A 38 1.44 -27.83 22.67
C GLN A 38 2.04 -28.45 23.91
N LYS A 39 2.45 -27.60 24.85
CA LYS A 39 3.01 -28.04 26.12
C LYS A 39 1.94 -28.73 26.96
N PRO A 40 2.33 -29.60 27.91
CA PRO A 40 1.33 -30.35 28.68
C PRO A 40 0.49 -29.52 29.65
N ASP A 41 0.76 -28.24 29.84
CA ASP A 41 -0.16 -27.39 30.58
C ASP A 41 -1.14 -26.65 29.67
N GLY A 42 -0.91 -26.66 28.36
CA GLY A 42 -1.89 -26.17 27.42
C GLY A 42 -1.52 -24.89 26.68
N SER A 43 -0.22 -24.66 26.47
CA SER A 43 0.25 -23.47 25.79
C SER A 43 0.80 -23.84 24.41
N VAL A 44 0.24 -23.24 23.37
CA VAL A 44 0.57 -23.57 21.99
C VAL A 44 1.39 -22.44 21.38
N LYS A 45 2.42 -22.79 20.62
CA LYS A 45 3.25 -21.80 19.97
C LYS A 45 3.77 -22.33 18.64
N LEU A 46 3.98 -21.42 17.70
CA LEU A 46 4.39 -21.77 16.34
C LEU A 46 5.88 -22.06 16.30
N LEU A 47 6.25 -23.17 15.66
CA LEU A 47 7.64 -23.55 15.51
C LEU A 47 8.20 -23.22 14.13
N ILE A 48 7.59 -23.77 13.08
CA ILE A 48 8.14 -23.72 11.73
C ILE A 48 7.03 -23.21 10.81
N TYR A 49 7.16 -21.97 10.37
CA TYR A 49 6.06 -21.33 9.64
C TYR A 49 6.12 -21.55 8.14
N TYR A 50 6.87 -22.54 7.69
CA TYR A 50 6.92 -22.91 6.29
C TYR A 50 7.19 -24.39 6.28
N THR A 51 7.66 -24.92 5.17
CA THR A 51 8.13 -26.31 5.22
C THR A 51 9.38 -26.44 6.09
N SER A 52 10.24 -25.42 6.10
CA SER A 52 11.51 -25.52 6.81
C SER A 52 11.91 -24.29 7.61
N THR A 53 11.28 -23.14 7.41
CA THR A 53 11.75 -21.89 8.01
C THR A 53 11.37 -21.83 9.48
N LEU A 54 12.36 -21.63 10.34
CA LEU A 54 12.12 -21.58 11.78
C LEU A 54 11.61 -20.22 12.21
N HIS A 55 10.73 -20.22 13.21
CA HIS A 55 10.27 -18.99 13.83
C HIS A 55 11.40 -18.38 14.66
N SER A 56 11.31 -17.07 14.88
CA SER A 56 12.34 -16.37 15.63
C SER A 56 12.17 -16.62 17.12
N GLY A 57 13.13 -17.31 17.72
CA GLY A 57 13.06 -17.70 19.11
C GLY A 57 12.94 -19.19 19.33
N VAL A 58 13.07 -20.00 18.29
CA VAL A 58 13.04 -21.45 18.40
C VAL A 58 14.49 -21.94 18.38
N PRO A 59 14.87 -22.89 19.24
CA PRO A 59 16.23 -23.44 19.20
C PRO A 59 16.51 -24.19 17.91
N SER A 60 17.79 -24.41 17.66
CA SER A 60 18.25 -24.95 16.39
C SER A 60 18.08 -26.46 16.28
N ARG A 61 17.51 -27.12 17.28
CA ARG A 61 17.33 -28.57 17.20
C ARG A 61 16.20 -28.93 16.24
N PHE A 62 15.26 -28.03 16.00
CA PHE A 62 14.11 -28.31 15.16
C PHE A 62 14.41 -27.96 13.72
N SER A 63 13.91 -28.80 12.81
CA SER A 63 14.05 -28.58 11.37
C SER A 63 12.97 -29.36 10.66
N GLY A 64 12.50 -28.83 9.53
CA GLY A 64 11.45 -29.47 8.77
C GLY A 64 11.91 -29.70 7.33
N SER A 65 11.24 -30.64 6.66
CA SER A 65 11.57 -30.97 5.28
C SER A 65 10.34 -31.57 4.63
N GLY A 66 10.50 -31.97 3.37
CA GLY A 66 9.41 -32.59 2.63
C GLY A 66 8.91 -31.72 1.50
N SER A 67 8.19 -32.33 0.56
CA SER A 67 7.59 -31.59 -0.55
C SER A 67 6.43 -32.39 -1.09
N GLY A 68 5.44 -31.68 -1.61
CA GLY A 68 4.33 -32.35 -2.27
C GLY A 68 3.26 -32.80 -1.31
N THR A 69 3.30 -34.09 -0.96
CA THR A 69 2.30 -34.69 -0.08
C THR A 69 2.88 -35.12 1.27
N ASP A 70 4.00 -35.82 1.29
CA ASP A 70 4.62 -36.24 2.54
C ASP A 70 5.53 -35.14 3.08
N TYR A 71 5.38 -34.82 4.36
CA TYR A 71 6.17 -33.82 5.05
C TYR A 71 6.73 -34.41 6.33
N SER A 72 7.69 -33.72 6.92
CA SER A 72 8.39 -34.28 8.07
C SER A 72 8.84 -33.16 9.00
N LEU A 73 9.10 -33.53 10.25
CA LEU A 73 9.67 -32.65 11.26
C LEU A 73 10.70 -33.45 12.03
N THR A 74 11.90 -32.90 12.18
CA THR A 74 13.01 -33.63 12.77
C THR A 74 13.58 -32.89 13.96
N ILE A 75 13.74 -33.61 15.06
CA ILE A 75 14.47 -33.14 16.23
C ILE A 75 15.72 -33.99 16.34
N ASN A 76 16.90 -33.36 16.24
CA ASN A 76 18.14 -34.12 16.17
C ASN A 76 18.70 -34.51 17.52
N SER A 77 18.36 -33.79 18.59
CA SER A 77 18.83 -34.15 19.92
C SER A 77 17.70 -33.88 20.91
N LEU A 78 16.96 -34.93 21.25
CA LEU A 78 15.79 -34.78 22.10
C LEU A 78 16.20 -34.50 23.53
N GLU A 79 15.65 -33.43 24.09
CA GLU A 79 15.89 -33.02 25.47
C GLU A 79 14.62 -33.22 26.29
N GLN A 80 14.66 -32.77 27.53
CA GLN A 80 13.51 -32.94 28.41
C GLN A 80 12.38 -31.95 28.12
N GLU A 81 12.71 -30.72 27.71
CA GLU A 81 11.68 -29.72 27.48
C GLU A 81 10.95 -29.90 26.16
N ASP A 82 11.34 -30.89 25.36
CA ASP A 82 10.71 -31.14 24.07
C ASP A 82 9.68 -32.26 24.13
N ILE A 83 9.23 -32.63 25.32
CA ILE A 83 8.19 -33.66 25.48
C ILE A 83 6.85 -32.95 25.45
N ALA A 84 6.21 -32.92 24.28
CA ALA A 84 4.97 -32.19 24.09
C ALA A 84 4.22 -32.80 22.92
N THR A 85 3.19 -32.11 22.45
CA THR A 85 2.34 -32.59 21.36
C THR A 85 2.54 -31.68 20.15
N TYR A 86 2.67 -32.29 18.97
CA TYR A 86 3.02 -31.58 17.74
C TYR A 86 1.92 -31.76 16.72
N PHE A 87 1.41 -30.65 16.17
CA PHE A 87 0.40 -30.65 15.13
C PHE A 87 0.98 -30.08 13.84
N CYS A 88 0.31 -30.37 12.72
CA CYS A 88 0.65 -29.76 11.45
C CYS A 88 -0.62 -29.17 10.84
N GLN A 89 -0.47 -28.04 10.16
CA GLN A 89 -1.59 -27.24 9.71
C GLN A 89 -1.35 -26.75 8.29
N GLN A 90 -2.32 -26.98 7.41
CA GLN A 90 -2.24 -26.53 6.03
C GLN A 90 -2.83 -25.13 5.89
N GLY A 91 -2.32 -24.39 4.92
CA GLY A 91 -2.81 -23.05 4.69
C GLY A 91 -3.10 -22.79 3.22
N ASN A 92 -3.55 -23.82 2.52
CA ASN A 92 -3.78 -23.72 1.08
C ASN A 92 -5.25 -23.63 0.72
N THR A 93 -6.15 -24.03 1.60
CA THR A 93 -7.56 -24.16 1.26
C THR A 93 -8.41 -23.77 2.47
N PHE A 94 -9.42 -22.94 2.24
CA PHE A 94 -10.42 -22.66 3.26
C PHE A 94 -11.28 -23.89 3.50
N PRO A 95 -11.51 -24.29 4.76
CA PRO A 95 -10.99 -23.71 5.99
C PRO A 95 -9.68 -24.35 6.45
N PHE A 96 -9.00 -23.74 7.41
CA PHE A 96 -7.75 -24.30 7.91
C PHE A 96 -8.03 -25.58 8.68
N THR A 97 -7.30 -26.64 8.37
CA THR A 97 -7.43 -27.92 9.05
C THR A 97 -6.13 -28.26 9.77
N PHE A 98 -6.25 -28.74 10.99
CA PHE A 98 -5.11 -29.18 11.78
C PHE A 98 -5.01 -30.70 11.74
N GLY A 99 -3.81 -31.20 11.93
CA GLY A 99 -3.60 -32.62 12.04
C GLY A 99 -3.80 -33.11 13.46
N GLY A 100 -3.95 -34.41 13.59
CA GLY A 100 -4.04 -35.02 14.89
C GLY A 100 -2.72 -34.94 15.64
N GLY A 101 -2.81 -35.05 16.95
CA GLY A 101 -1.63 -34.89 17.77
C GLY A 101 -0.69 -36.08 17.71
N THR A 102 0.54 -35.83 18.10
CA THR A 102 1.56 -36.88 18.21
C THR A 102 2.39 -36.54 19.44
N LYS A 103 2.22 -37.32 20.51
CA LYS A 103 2.85 -37.03 21.78
C LYS A 103 4.14 -37.84 21.92
N LEU A 104 5.12 -37.28 22.61
CA LEU A 104 6.39 -37.96 22.83
C LEU A 104 6.45 -38.54 24.24
N GLU A 105 7.25 -39.59 24.40
CA GLU A 105 7.41 -40.25 25.70
C GLU A 105 8.76 -40.97 25.70
N ILE A 106 9.40 -40.97 26.88
CA ILE A 106 10.73 -41.54 27.07
C ILE A 106 10.68 -43.05 26.86
N ARG A 107 11.80 -43.64 26.44
CA ARG A 107 11.82 -45.02 25.95
C ARG A 107 11.63 -46.03 27.08
N ARG A 108 12.57 -46.09 28.02
CA ARG A 108 12.48 -47.10 29.08
C ARG A 108 12.25 -46.45 30.44
N VAL B 2 3.05 -8.11 24.06
CA VAL B 2 1.80 -8.56 23.48
C VAL B 2 1.41 -9.97 23.96
N GLN B 3 0.21 -10.08 24.52
CA GLN B 3 -0.30 -11.35 24.99
C GLN B 3 -1.82 -11.29 25.08
N LEU B 4 -2.46 -12.41 24.77
CA LEU B 4 -3.91 -12.54 24.84
C LEU B 4 -4.27 -13.28 26.12
N GLN B 5 -5.21 -12.72 26.87
CA GLN B 5 -5.56 -13.24 28.19
C GLN B 5 -7.03 -13.62 28.18
N GLN B 6 -7.30 -14.93 28.30
CA GLN B 6 -8.65 -15.44 28.24
C GLN B 6 -9.32 -15.38 29.62
N SER B 7 -10.60 -15.71 29.66
CA SER B 7 -11.36 -15.71 30.90
C SER B 7 -11.15 -17.03 31.64
N ALA B 8 -11.97 -17.27 32.66
CA ALA B 8 -11.86 -18.47 33.46
C ALA B 8 -12.80 -19.55 32.94
N ALA B 9 -12.68 -20.75 33.50
CA ALA B 9 -13.52 -21.87 33.07
C ALA B 9 -14.95 -21.71 33.57
N GLU B 10 -15.91 -22.02 32.70
CA GLU B 10 -17.32 -21.82 32.99
C GLU B 10 -18.05 -23.16 32.94
N LEU B 11 -19.33 -23.12 33.29
CA LEU B 11 -20.11 -24.32 33.49
C LEU B 11 -21.59 -23.98 33.32
N ALA B 12 -22.30 -24.75 32.51
CA ALA B 12 -23.70 -24.47 32.26
C ALA B 12 -24.43 -25.76 31.91
N ARG B 13 -25.77 -25.68 31.97
CA ARG B 13 -26.69 -26.76 31.66
C ARG B 13 -26.65 -27.09 30.17
N PRO B 14 -27.07 -28.29 29.78
CA PRO B 14 -27.30 -28.56 28.35
C PRO B 14 -28.50 -27.78 27.86
N GLY B 15 -28.32 -27.06 26.75
CA GLY B 15 -29.33 -26.15 26.24
C GLY B 15 -29.12 -24.72 26.65
N ALA B 16 -28.20 -24.44 27.55
CA ALA B 16 -27.93 -23.09 28.03
C ALA B 16 -27.00 -22.38 27.06
N SER B 17 -26.45 -21.24 27.49
CA SER B 17 -25.56 -20.44 26.65
C SER B 17 -24.43 -19.88 27.48
N VAL B 18 -23.20 -20.00 26.96
CA VAL B 18 -22.00 -19.53 27.62
C VAL B 18 -21.34 -18.50 26.72
N LYS B 19 -20.81 -17.43 27.33
CA LYS B 19 -20.12 -16.38 26.61
C LYS B 19 -18.71 -16.24 27.13
N MET B 20 -17.73 -16.45 26.26
CA MET B 20 -16.31 -16.38 26.64
C MET B 20 -15.75 -15.01 26.33
N SER B 21 -14.45 -14.83 26.58
CA SER B 21 -13.78 -13.56 26.37
C SER B 21 -12.31 -13.79 26.06
N CYS B 22 -11.73 -12.86 25.32
CA CYS B 22 -10.30 -12.93 24.99
C CYS B 22 -9.80 -11.49 24.89
N LYS B 23 -9.26 -10.99 26.00
CA LYS B 23 -8.86 -9.59 26.12
C LYS B 23 -7.44 -9.42 25.61
N ALA B 24 -7.26 -8.63 24.56
CA ALA B 24 -5.98 -8.46 23.90
C ALA B 24 -5.26 -7.23 24.44
N SER B 25 -3.93 -7.28 24.42
CA SER B 25 -3.12 -6.14 24.86
C SER B 25 -1.78 -6.19 24.16
N GLY B 26 -1.12 -5.04 24.10
CA GLY B 26 0.20 -4.93 23.52
C GLY B 26 0.23 -4.52 22.06
N TYR B 27 -0.92 -4.35 21.43
CA TYR B 27 -0.98 -4.04 20.01
C TYR B 27 -2.32 -3.38 19.71
N THR B 28 -2.42 -2.76 18.54
CA THR B 28 -3.65 -2.08 18.12
C THR B 28 -4.67 -3.13 17.73
N PHE B 29 -5.80 -3.14 18.46
CA PHE B 29 -6.76 -4.25 18.36
C PHE B 29 -7.48 -4.27 17.03
N THR B 30 -7.71 -3.13 16.42
CA THR B 30 -8.49 -3.04 15.21
C THR B 30 -7.68 -3.27 13.93
N THR B 31 -6.55 -3.97 14.02
CA THR B 31 -5.77 -4.28 12.82
C THR B 31 -5.93 -5.73 12.38
N TYR B 32 -5.67 -6.68 13.26
CA TYR B 32 -5.64 -8.08 12.91
C TYR B 32 -6.95 -8.75 13.28
N THR B 33 -7.31 -9.79 12.53
CA THR B 33 -8.48 -10.59 12.86
C THR B 33 -8.13 -11.59 13.95
N MET B 34 -9.14 -11.98 14.73
CA MET B 34 -8.96 -12.90 15.83
C MET B 34 -9.79 -14.15 15.59
N HIS B 35 -9.12 -15.30 15.59
CA HIS B 35 -9.73 -16.57 15.26
C HIS B 35 -10.00 -17.35 16.53
N TRP B 36 -10.86 -18.37 16.42
CA TRP B 36 -11.20 -19.23 17.55
C TRP B 36 -11.05 -20.68 17.13
N VAL B 37 -10.28 -21.44 17.89
CA VAL B 37 -10.01 -22.84 17.61
C VAL B 37 -10.50 -23.67 18.80
N LYS B 38 -11.09 -24.82 18.51
CA LYS B 38 -11.66 -25.70 19.53
C LYS B 38 -10.96 -27.05 19.49
N GLN B 39 -10.57 -27.56 20.66
CA GLN B 39 -9.91 -28.86 20.74
C GLN B 39 -10.67 -29.76 21.71
N ARG B 40 -11.37 -30.76 21.17
CA ARG B 40 -11.94 -31.81 21.98
C ARG B 40 -10.84 -32.62 22.65
N PRO B 41 -11.08 -33.15 23.85
CA PRO B 41 -9.99 -33.79 24.61
C PRO B 41 -9.49 -35.10 24.04
N GLY B 42 -10.15 -35.67 23.02
CA GLY B 42 -9.67 -36.91 22.43
C GLY B 42 -9.34 -36.80 20.97
N GLN B 43 -9.24 -35.58 20.44
CA GLN B 43 -9.00 -35.37 19.02
C GLN B 43 -7.98 -34.25 18.86
N GLY B 44 -7.85 -33.76 17.63
CA GLY B 44 -6.99 -32.65 17.32
C GLY B 44 -7.70 -31.31 17.46
N LEU B 45 -7.14 -30.30 16.81
CA LEU B 45 -7.72 -28.97 16.86
C LEU B 45 -8.69 -28.78 15.70
N GLU B 46 -9.66 -27.88 15.90
CA GLU B 46 -10.70 -27.67 14.90
C GLU B 46 -11.06 -26.20 14.85
N TRP B 47 -11.12 -25.65 13.64
CA TRP B 47 -11.34 -24.23 13.41
C TRP B 47 -12.81 -23.89 13.54
N ILE B 48 -13.11 -22.68 14.02
CA ILE B 48 -14.48 -22.24 14.18
C ILE B 48 -14.78 -21.07 13.28
N GLY B 49 -14.01 -19.99 13.41
CA GLY B 49 -14.23 -18.81 12.60
C GLY B 49 -13.42 -17.66 13.12
N TYR B 50 -13.61 -16.50 12.49
CA TYR B 50 -12.88 -15.30 12.86
C TYR B 50 -13.81 -14.11 12.80
N ILE B 51 -13.28 -12.95 13.17
CA ILE B 51 -14.02 -11.70 13.13
C ILE B 51 -13.05 -10.57 12.84
N ASN B 52 -13.34 -9.80 11.81
CA ASN B 52 -12.60 -8.56 11.55
C ASN B 52 -13.09 -7.52 12.54
N PRO B 53 -12.25 -7.04 13.46
CA PRO B 53 -12.73 -6.10 14.47
C PRO B 53 -13.00 -4.72 13.93
N SER B 54 -12.46 -4.38 12.76
CA SER B 54 -12.67 -3.06 12.19
C SER B 54 -14.05 -2.91 11.56
N SER B 55 -14.57 -3.96 10.94
CA SER B 55 -15.84 -3.90 10.24
C SER B 55 -16.91 -4.82 10.81
N ARG B 56 -16.58 -5.62 11.84
CA ARG B 56 -17.48 -6.57 12.49
C ARG B 56 -18.03 -7.60 11.51
N TYR B 57 -17.17 -8.08 10.62
CA TYR B 57 -17.52 -9.13 9.68
C TYR B 57 -17.01 -10.46 10.21
N THR B 58 -17.93 -11.39 10.45
CA THR B 58 -17.60 -12.71 10.94
C THR B 58 -17.86 -13.74 9.86
N GLU B 59 -17.00 -14.75 9.78
CA GLU B 59 -17.18 -15.87 8.86
C GLU B 59 -16.86 -17.16 9.59
N TYR B 60 -17.87 -17.99 9.81
CA TYR B 60 -17.71 -19.21 10.56
C TYR B 60 -17.42 -20.40 9.66
N ASN B 61 -16.92 -21.47 10.26
CA ASN B 61 -16.83 -22.76 9.60
C ASN B 61 -18.23 -23.29 9.34
N GLN B 62 -18.34 -24.15 8.33
CA GLN B 62 -19.64 -24.60 7.86
C GLN B 62 -20.35 -25.53 8.84
N LYS B 63 -19.64 -26.09 9.81
CA LYS B 63 -20.26 -26.92 10.83
C LYS B 63 -20.71 -26.14 12.06
N PHE B 64 -20.14 -24.95 12.28
CA PHE B 64 -20.44 -24.14 13.45
C PHE B 64 -21.24 -22.89 13.10
N LYS B 65 -22.04 -22.95 12.05
CA LYS B 65 -22.65 -21.72 11.52
C LYS B 65 -23.83 -21.27 12.36
N ASP B 66 -24.55 -22.21 12.99
CA ASP B 66 -25.80 -21.88 13.64
C ASP B 66 -25.71 -21.93 15.16
N LYS B 67 -24.60 -22.39 15.73
CA LYS B 67 -24.45 -22.44 17.18
C LYS B 67 -23.65 -21.27 17.73
N THR B 68 -22.58 -20.88 17.06
CA THR B 68 -21.67 -19.87 17.57
C THR B 68 -22.03 -18.49 17.03
N THR B 69 -21.53 -17.46 17.70
CA THR B 69 -21.70 -16.07 17.27
C THR B 69 -20.57 -15.25 17.88
N LEU B 70 -19.78 -14.60 17.04
CA LEU B 70 -18.63 -13.83 17.47
C LEU B 70 -18.97 -12.34 17.48
N THR B 71 -18.37 -11.61 18.42
CA THR B 71 -18.58 -10.17 18.51
C THR B 71 -17.35 -9.53 19.14
N ALA B 72 -17.24 -8.22 18.99
CA ALA B 72 -16.09 -7.50 19.50
C ALA B 72 -16.50 -6.07 19.87
N ASP B 73 -15.64 -5.42 20.64
CA ASP B 73 -15.79 -3.99 20.92
C ASP B 73 -14.42 -3.31 20.88
N LYS B 74 -14.34 -2.24 20.10
CA LYS B 74 -13.07 -1.58 19.84
C LYS B 74 -12.57 -0.74 21.01
N SER B 75 -13.42 -0.49 22.01
CA SER B 75 -13.00 0.32 23.15
C SER B 75 -12.19 -0.51 24.14
N SER B 76 -12.77 -1.60 24.63
CA SER B 76 -12.17 -2.38 25.71
C SER B 76 -11.20 -3.44 25.22
N SER B 77 -10.98 -3.53 23.91
CA SER B 77 -10.04 -4.48 23.27
C SER B 77 -10.36 -5.93 23.64
N THR B 78 -11.60 -6.34 23.38
CA THR B 78 -12.11 -7.63 23.81
C THR B 78 -12.87 -8.29 22.68
N ALA B 79 -12.71 -9.60 22.55
CA ALA B 79 -13.46 -10.40 21.60
C ALA B 79 -14.24 -11.46 22.36
N TYR B 80 -15.53 -11.56 22.08
CA TYR B 80 -16.40 -12.52 22.75
C TYR B 80 -16.84 -13.59 21.79
N MET B 81 -17.34 -14.69 22.34
CA MET B 81 -17.90 -15.78 21.56
C MET B 81 -18.98 -16.45 22.37
N GLN B 82 -20.18 -16.57 21.80
CA GLN B 82 -21.32 -17.12 22.50
C GLN B 82 -21.77 -18.42 21.85
N LEU B 83 -21.86 -19.46 22.66
CA LEU B 83 -22.38 -20.75 22.23
C LEU B 83 -23.84 -20.84 22.63
N SER B 84 -24.63 -21.54 21.82
CA SER B 84 -26.06 -21.70 22.10
C SER B 84 -26.51 -23.11 21.71
N SER B 85 -27.63 -23.52 22.31
CA SER B 85 -28.20 -24.87 22.23
C SER B 85 -27.13 -25.94 22.51
N LEU B 86 -26.63 -25.90 23.73
CA LEU B 86 -25.46 -26.68 24.11
C LEU B 86 -25.80 -28.16 24.24
N THR B 87 -25.00 -29.00 23.60
CA THR B 87 -25.06 -30.44 23.74
C THR B 87 -23.85 -30.91 24.53
N PHE B 88 -23.71 -32.23 24.64
CA PHE B 88 -22.55 -32.81 25.32
C PHE B 88 -21.31 -32.86 24.45
N GLU B 89 -21.43 -32.52 23.16
CA GLU B 89 -20.28 -32.54 22.28
C GLU B 89 -19.53 -31.22 22.29
N ASP B 90 -20.02 -30.23 23.04
CA ASP B 90 -19.37 -28.92 23.12
C ASP B 90 -18.50 -28.79 24.37
N SER B 91 -18.07 -29.91 24.94
CA SER B 91 -17.19 -29.89 26.11
C SER B 91 -15.76 -30.03 25.60
N ALA B 92 -15.04 -28.92 25.58
CA ALA B 92 -13.69 -28.88 25.01
C ALA B 92 -12.95 -27.68 25.60
N VAL B 93 -11.80 -27.35 25.01
CA VAL B 93 -11.02 -26.17 25.37
C VAL B 93 -10.96 -25.26 24.16
N TYR B 94 -11.23 -23.98 24.35
CA TYR B 94 -11.34 -23.01 23.27
C TYR B 94 -10.20 -22.01 23.32
N TYR B 95 -9.45 -21.89 22.23
CA TYR B 95 -8.33 -20.98 22.13
C TYR B 95 -8.67 -19.84 21.20
N CYS B 96 -8.22 -18.63 21.56
CA CYS B 96 -8.29 -17.48 20.66
C CYS B 96 -6.90 -17.23 20.12
N ALA B 97 -6.80 -17.03 18.80
CA ALA B 97 -5.52 -16.86 18.14
C ALA B 97 -5.57 -15.65 17.22
N ARG B 98 -4.44 -14.97 17.10
CA ARG B 98 -4.31 -13.79 16.27
C ARG B 98 -3.56 -14.18 15.01
N ARG B 99 -4.24 -14.09 13.87
CA ARG B 99 -3.67 -14.60 12.62
C ARG B 99 -2.58 -13.67 12.11
N SER B 100 -1.42 -14.25 11.82
CA SER B 100 -0.27 -13.56 11.24
C SER B 100 -0.45 -13.44 9.73
N GLU B 101 0.70 -13.28 9.04
CA GLU B 101 0.76 -12.76 7.67
C GLU B 101 -0.13 -13.50 6.69
N ALA B 102 0.06 -14.79 6.52
CA ALA B 102 -0.74 -15.49 5.52
C ALA B 102 -1.70 -16.49 6.14
N ASP B 103 -1.21 -17.45 6.91
CA ASP B 103 -2.07 -18.45 7.53
C ASP B 103 -1.55 -18.88 8.89
N ARG B 104 -0.68 -18.09 9.51
CA ARG B 104 0.06 -18.49 10.70
C ARG B 104 -0.58 -17.88 11.93
N PHE B 105 -0.60 -18.64 13.02
CA PHE B 105 -1.14 -18.19 14.30
C PHE B 105 0.04 -18.03 15.25
N VAL B 106 0.62 -16.83 15.29
CA VAL B 106 1.83 -16.64 16.07
C VAL B 106 1.53 -16.46 17.55
N TYR B 107 0.39 -15.86 17.90
CA TYR B 107 0.01 -15.64 19.29
C TYR B 107 -1.28 -16.39 19.59
N TRP B 108 -1.30 -17.08 20.73
CA TRP B 108 -2.45 -17.85 21.18
C TRP B 108 -2.84 -17.44 22.59
N GLY B 109 -4.10 -17.68 22.94
CA GLY B 109 -4.54 -17.59 24.31
C GLY B 109 -4.22 -18.86 25.06
N GLN B 110 -4.48 -18.84 26.36
CA GLN B 110 -4.19 -20.00 27.19
C GLN B 110 -5.36 -20.97 27.28
N GLY B 111 -6.50 -20.63 26.69
CA GLY B 111 -7.62 -21.56 26.62
C GLY B 111 -8.54 -21.53 27.81
N THR B 112 -9.84 -21.62 27.57
CA THR B 112 -10.84 -21.77 28.61
C THR B 112 -11.50 -23.13 28.48
N LEU B 113 -11.68 -23.80 29.61
CA LEU B 113 -12.34 -25.11 29.63
C LEU B 113 -13.84 -24.86 29.78
N VAL B 114 -14.63 -25.48 28.89
CA VAL B 114 -16.08 -25.42 28.95
C VAL B 114 -16.58 -26.84 29.12
N THR B 115 -17.41 -27.06 30.13
CA THR B 115 -18.00 -28.37 30.38
C THR B 115 -19.50 -28.20 30.61
N VAL B 116 -20.27 -29.21 30.21
CA VAL B 116 -21.71 -29.24 30.43
C VAL B 116 -22.07 -30.49 31.23
N SER B 117 -23.03 -30.34 32.13
CA SER B 117 -23.54 -31.42 32.97
C SER B 117 -24.83 -30.94 33.62
N ALA B 118 -25.34 -31.72 34.56
CA ALA B 118 -26.48 -31.31 35.36
C ALA B 118 -26.12 -31.33 36.84
N ALA C 12 17.92 24.23 -2.66
CA ALA C 12 16.50 24.16 -2.98
C ALA C 12 15.70 24.95 -1.97
N ARG C 13 15.91 26.27 -1.95
CA ARG C 13 15.28 27.12 -0.96
C ARG C 13 13.82 27.33 -1.28
N VAL C 14 12.98 27.30 -0.24
CA VAL C 14 11.54 27.41 -0.41
C VAL C 14 11.15 28.87 -0.61
N ALA C 15 9.91 29.09 -1.05
CA ALA C 15 9.46 30.43 -1.35
C ALA C 15 9.15 31.20 -0.07
N ASP C 16 9.32 32.51 -0.14
CA ASP C 16 9.14 33.39 1.00
C ASP C 16 7.87 34.21 0.87
N THR C 17 7.39 34.69 2.01
CA THR C 17 6.13 35.41 2.07
C THR C 17 6.36 36.90 1.81
N ILE C 18 5.38 37.53 1.19
CA ILE C 18 5.44 38.94 0.89
C ILE C 18 4.47 39.68 1.79
N SER C 19 4.63 40.99 1.85
CA SER C 19 3.76 41.80 2.70
C SER C 19 2.38 41.95 2.06
N SER C 20 1.38 42.18 2.90
CA SER C 20 0.01 42.33 2.45
C SER C 20 -0.63 43.56 3.09
N ARG C 21 -1.74 43.97 2.51
CA ARG C 21 -2.47 45.18 2.87
C ARG C 21 -3.95 44.87 2.86
N PRO C 22 -4.77 45.64 3.58
CA PRO C 22 -6.22 45.40 3.53
C PRO C 22 -6.80 45.70 2.16
N THR C 23 -7.70 44.84 1.72
CA THR C 23 -8.23 44.90 0.36
C THR C 23 -9.75 44.93 0.38
N ASN C 24 -10.32 45.57 -0.63
CA ASN C 24 -11.75 45.58 -0.86
C ASN C 24 -11.93 45.63 -2.38
N SER C 25 -12.06 44.46 -2.99
CA SER C 25 -12.02 44.35 -4.44
C SER C 25 -12.87 43.18 -4.87
N GLU C 26 -12.87 42.93 -6.18
CA GLU C 26 -13.59 41.81 -6.76
C GLU C 26 -12.68 40.62 -7.07
N SER C 27 -11.43 40.68 -6.62
CA SER C 27 -10.50 39.58 -6.84
C SER C 27 -10.64 38.58 -5.71
N ILE C 28 -10.96 37.33 -6.05
CA ILE C 28 -11.32 36.32 -5.06
C ILE C 28 -10.34 35.14 -5.11
N PRO C 29 -9.34 35.14 -4.25
CA PRO C 29 -8.42 34.00 -4.23
C PRO C 29 -8.99 32.80 -3.49
N ALA C 30 -9.86 33.06 -2.52
CA ALA C 30 -10.38 31.98 -1.69
C ALA C 30 -11.40 31.12 -2.41
N LEU C 31 -12.35 31.71 -3.12
CA LEU C 31 -13.36 30.96 -3.84
C LEU C 31 -12.74 30.33 -5.08
N THR C 32 -12.85 29.01 -5.17
CA THR C 32 -12.28 28.27 -6.28
C THR C 32 -13.27 27.17 -6.66
N ALA C 33 -12.82 26.20 -7.42
CA ALA C 33 -13.64 25.05 -7.79
C ALA C 33 -12.75 23.81 -7.77
N ALA C 34 -13.04 22.90 -6.84
CA ALA C 34 -12.28 21.65 -6.76
C ALA C 34 -12.74 20.62 -7.78
N GLU C 35 -13.82 20.89 -8.50
CA GLU C 35 -14.35 19.98 -9.49
C GLU C 35 -13.53 19.94 -10.77
N THR C 36 -12.59 20.86 -10.94
CA THR C 36 -11.76 20.86 -12.13
C THR C 36 -10.57 19.94 -12.02
N GLY C 37 -10.39 19.26 -10.88
CA GLY C 37 -9.23 18.42 -10.68
C GLY C 37 -7.95 19.21 -10.56
N HIS C 38 -8.02 20.42 -10.03
CA HIS C 38 -6.89 21.33 -9.99
C HIS C 38 -6.73 21.84 -8.56
N THR C 39 -5.53 21.71 -8.02
CA THR C 39 -5.24 22.15 -6.66
C THR C 39 -4.96 23.65 -6.66
N SER C 40 -5.53 24.36 -5.70
CA SER C 40 -5.43 25.81 -5.67
C SER C 40 -4.04 26.24 -5.24
N GLN C 41 -3.51 27.27 -5.90
CA GLN C 41 -2.17 27.77 -5.65
C GLN C 41 -2.18 29.02 -4.79
N VAL C 42 -3.10 29.13 -3.84
CA VAL C 42 -3.17 30.31 -3.01
C VAL C 42 -2.10 30.26 -1.92
N VAL C 43 -1.76 31.44 -1.43
CA VAL C 43 -0.72 31.60 -0.41
C VAL C 43 -1.36 32.38 0.73
N PRO C 44 -0.84 32.28 1.96
CA PRO C 44 -1.45 32.99 3.09
C PRO C 44 -1.36 34.50 3.02
N SER C 45 -0.63 35.08 2.07
CA SER C 45 -0.62 36.52 1.86
C SER C 45 -1.81 37.00 1.05
N ASP C 46 -2.67 36.08 0.61
CA ASP C 46 -3.84 36.44 -0.17
C ASP C 46 -5.11 36.53 0.64
N THR C 47 -5.13 35.98 1.85
CA THR C 47 -6.33 35.97 2.67
C THR C 47 -6.20 36.78 3.95
N MET C 48 -5.00 37.15 4.36
CA MET C 48 -4.80 37.93 5.58
C MET C 48 -3.60 38.83 5.39
N GLN C 49 -3.35 39.66 6.40
CA GLN C 49 -2.21 40.56 6.37
C GLN C 49 -0.99 39.87 6.94
N THR C 50 0.03 39.67 6.12
CA THR C 50 1.27 39.05 6.57
C THR C 50 2.41 40.05 6.49
N ARG C 51 3.45 39.77 7.25
CA ARG C 51 4.68 40.53 7.19
C ARG C 51 5.66 39.84 6.27
N HIS C 52 6.68 40.58 5.83
CA HIS C 52 7.64 40.05 4.87
C HIS C 52 8.74 39.32 5.62
N VAL C 53 8.69 37.99 5.59
CA VAL C 53 9.78 37.16 6.07
C VAL C 53 10.49 36.56 4.87
N LYS C 54 11.72 36.09 5.08
CA LYS C 54 12.46 35.39 4.04
C LYS C 54 12.88 34.04 4.59
N ASN C 55 12.54 32.99 3.85
CA ASN C 55 12.75 31.63 4.30
C ASN C 55 14.14 31.16 3.87
N TYR C 56 14.88 30.60 4.81
CA TYR C 56 16.14 29.94 4.52
C TYR C 56 16.00 28.43 4.56
N HIS C 57 14.77 27.93 4.65
CA HIS C 57 14.54 26.49 4.67
C HIS C 57 14.79 25.92 3.30
N SER C 58 15.28 24.69 3.26
CA SER C 58 15.55 24.01 2.02
C SER C 58 14.78 22.69 1.97
N ARG C 59 14.59 22.20 0.76
CA ARG C 59 13.92 20.94 0.51
C ARG C 59 14.90 19.87 0.06
N SER C 60 16.09 19.84 0.68
CA SER C 60 17.10 18.87 0.30
C SER C 60 16.77 17.47 0.77
N GLU C 61 16.38 17.30 2.03
CA GLU C 61 16.21 15.97 2.58
C GLU C 61 14.90 15.30 2.18
N SER C 62 14.09 15.92 1.33
CA SER C 62 12.87 15.31 0.86
C SER C 62 13.00 14.80 -0.57
N SER C 63 14.19 14.86 -1.15
CA SER C 63 14.39 14.47 -2.53
C SER C 63 14.29 12.96 -2.68
N ILE C 64 14.19 12.51 -3.93
CA ILE C 64 14.03 11.07 -4.20
C ILE C 64 15.35 10.34 -3.95
N GLU C 65 16.47 11.02 -4.14
CA GLU C 65 17.76 10.42 -3.82
C GLU C 65 17.93 10.23 -2.31
N ASN C 66 17.61 11.26 -1.53
CA ASN C 66 17.82 11.16 -0.09
C ASN C 66 16.77 10.30 0.59
N PHE C 67 15.64 10.06 -0.07
CA PHE C 67 14.58 9.27 0.58
C PHE C 67 14.82 7.78 0.42
N LEU C 68 15.51 7.38 -0.65
CA LEU C 68 15.64 5.96 -0.97
C LEU C 68 17.03 5.41 -0.75
N CYS C 69 18.08 6.22 -0.88
CA CYS C 69 19.45 5.72 -0.83
C CYS C 69 19.83 5.50 0.64
N ARG C 70 19.37 4.37 1.18
CA ARG C 70 19.65 3.94 2.54
C ARG C 70 19.58 2.41 2.57
N SER C 71 20.45 1.79 3.35
CA SER C 71 20.51 0.34 3.38
C SER C 71 19.36 -0.23 4.18
N ALA C 72 18.79 -1.33 3.69
CA ALA C 72 17.66 -1.99 4.33
C ALA C 72 17.77 -3.48 4.14
N CYS C 73 17.54 -4.23 5.21
CA CYS C 73 17.67 -5.69 5.16
C CYS C 73 16.50 -6.31 4.42
N VAL C 74 16.79 -7.25 3.53
CA VAL C 74 15.76 -7.85 2.70
C VAL C 74 15.58 -9.35 2.94
N TYR C 75 16.56 -10.03 3.51
CA TYR C 75 16.47 -11.47 3.77
C TYR C 75 17.56 -11.85 4.76
N TYR C 76 17.39 -13.01 5.39
CA TYR C 76 18.49 -13.66 6.08
C TYR C 76 18.26 -15.17 6.08
N ALA C 77 19.30 -15.92 5.73
CA ALA C 77 19.20 -17.36 5.55
C ALA C 77 20.29 -18.13 6.29
N THR C 78 19.92 -19.25 6.90
CA THR C 78 20.89 -20.05 7.64
C THR C 78 21.31 -21.43 7.16
N TYR C 79 22.62 -21.65 7.07
CA TYR C 79 23.17 -22.91 6.61
C TYR C 79 24.07 -23.51 7.67
N THR C 80 23.89 -24.80 7.97
CA THR C 80 24.68 -25.45 9.00
C THR C 80 25.86 -26.24 8.46
N ASN C 81 27.04 -25.93 8.99
CA ASN C 81 28.28 -26.59 8.62
C ASN C 81 28.24 -28.05 9.06
N ASN C 82 28.82 -28.93 8.25
CA ASN C 82 28.90 -30.36 8.57
C ASN C 82 27.61 -31.09 8.94
N SER C 83 26.57 -30.86 8.14
CA SER C 83 25.31 -31.54 8.24
C SER C 83 24.63 -31.53 6.91
N LYS C 84 23.63 -32.37 6.69
CA LYS C 84 22.96 -32.39 5.40
C LYS C 84 22.31 -31.07 5.02
N LYS C 85 22.45 -30.71 3.75
CA LYS C 85 21.88 -29.45 3.25
C LYS C 85 22.52 -28.26 3.97
N GLY C 86 23.83 -28.12 3.80
CA GLY C 86 24.59 -27.07 4.43
C GLY C 86 24.84 -25.91 3.49
N PHE C 87 23.83 -25.57 2.70
CA PHE C 87 23.93 -24.45 1.77
C PHE C 87 22.57 -23.76 1.64
N ALA C 88 22.60 -22.47 1.34
CA ALA C 88 21.41 -21.64 1.24
C ALA C 88 21.11 -21.30 -0.21
N GLU C 89 19.88 -20.85 -0.44
CA GLU C 89 19.48 -20.30 -1.73
C GLU C 89 18.36 -19.29 -1.52
N TRP C 90 18.25 -18.36 -2.45
CA TRP C 90 17.28 -17.28 -2.32
C TRP C 90 16.96 -16.74 -3.71
N VAL C 91 15.72 -16.86 -4.13
CA VAL C 91 15.29 -16.30 -5.41
C VAL C 91 15.11 -14.81 -5.21
N ILE C 92 15.89 -14.01 -5.92
CA ILE C 92 16.10 -12.61 -5.57
C ILE C 92 14.86 -11.79 -5.88
N ASN C 93 14.32 -11.15 -4.85
CA ASN C 93 13.24 -10.19 -4.99
C ASN C 93 13.29 -9.26 -3.79
N THR C 94 12.40 -8.27 -3.77
CA THR C 94 12.39 -7.27 -2.72
C THR C 94 11.03 -7.20 -2.03
N ARG C 95 10.29 -8.31 -2.03
CA ARG C 95 8.92 -8.33 -1.55
C ARG C 95 8.74 -9.32 -0.40
N GLN C 96 9.70 -9.40 0.51
CA GLN C 96 9.57 -10.25 1.68
C GLN C 96 9.67 -9.49 2.99
N VAL C 97 9.99 -8.21 2.94
CA VAL C 97 10.08 -7.38 4.13
C VAL C 97 8.99 -6.32 4.06
N ALA C 98 8.73 -5.70 5.21
CA ALA C 98 7.63 -4.75 5.29
C ALA C 98 8.05 -3.33 4.98
N GLN C 99 9.30 -2.97 5.23
CA GLN C 99 9.66 -1.56 5.20
C GLN C 99 10.31 -1.13 3.90
N LEU C 100 10.91 -2.06 3.14
CA LEU C 100 11.37 -1.71 1.81
C LEU C 100 10.31 -1.92 0.77
N ARG C 101 9.36 -2.82 1.01
CA ARG C 101 8.25 -3.00 0.07
C ARG C 101 7.33 -1.79 0.10
N ARG C 102 7.11 -1.19 1.27
CA ARG C 102 6.24 -0.04 1.34
C ARG C 102 6.88 1.21 0.79
N LYS C 103 8.20 1.27 0.74
CA LYS C 103 8.86 2.45 0.20
C LYS C 103 8.95 2.40 -1.32
N LEU C 104 9.26 1.24 -1.88
CA LEU C 104 9.34 1.13 -3.33
C LEU C 104 7.97 1.16 -4.00
N GLU C 105 6.90 0.91 -3.26
CA GLU C 105 5.56 0.90 -3.82
C GLU C 105 4.82 2.21 -3.60
N LEU C 106 5.54 3.32 -3.50
CA LEU C 106 4.95 4.63 -3.67
C LEU C 106 5.04 5.09 -5.11
N PHE C 107 5.87 4.44 -5.92
CA PHE C 107 6.04 4.75 -7.32
C PHE C 107 5.76 3.51 -8.14
N THR C 108 5.27 3.70 -9.36
CA THR C 108 4.97 2.55 -10.20
C THR C 108 6.22 2.04 -10.90
N TYR C 109 7.04 2.93 -11.44
CA TYR C 109 8.23 2.54 -12.19
C TYR C 109 9.47 3.12 -11.54
N LEU C 110 10.50 2.28 -11.41
CA LEU C 110 11.75 2.69 -10.78
C LEU C 110 12.91 2.25 -11.66
N ARG C 111 14.01 2.99 -11.55
CA ARG C 111 15.22 2.70 -12.32
C ARG C 111 16.41 3.12 -11.49
N PHE C 112 17.16 2.16 -10.96
CA PHE C 112 18.27 2.50 -10.08
C PHE C 112 19.42 1.54 -10.28
N ASP C 113 20.51 1.82 -9.57
CA ASP C 113 21.61 0.90 -9.38
C ASP C 113 21.46 0.22 -8.03
N LEU C 114 22.49 -0.52 -7.63
CA LEU C 114 22.46 -1.16 -6.32
C LEU C 114 23.82 -1.02 -5.65
N GLU C 115 23.81 -1.24 -4.34
CA GLU C 115 25.04 -1.36 -3.56
C GLU C 115 24.76 -2.40 -2.50
N LEU C 116 25.38 -3.57 -2.64
CA LEU C 116 24.90 -4.78 -2.02
C LEU C 116 25.89 -5.23 -0.96
N THR C 117 25.46 -5.23 0.30
CA THR C 117 26.33 -5.51 1.44
C THR C 117 25.76 -6.69 2.23
N PHE C 118 26.62 -7.65 2.56
CA PHE C 118 26.25 -8.82 3.33
C PHE C 118 26.86 -8.73 4.71
N VAL C 119 26.18 -9.28 5.72
CA VAL C 119 26.68 -9.32 7.09
C VAL C 119 26.58 -10.77 7.56
N ILE C 120 27.72 -11.40 7.79
CA ILE C 120 27.80 -12.83 8.06
C ILE C 120 28.20 -13.04 9.51
N THR C 121 27.45 -13.87 10.23
CA THR C 121 27.73 -14.22 11.61
C THR C 121 27.94 -15.73 11.70
N SER C 122 28.12 -16.22 12.92
CA SER C 122 28.29 -17.65 13.17
C SER C 122 27.94 -17.96 14.61
N ALA C 123 27.66 -19.23 14.88
CA ALA C 123 27.37 -19.68 16.24
C ALA C 123 27.82 -21.12 16.37
N GLN C 124 28.27 -21.48 17.56
CA GLN C 124 28.75 -22.82 17.84
C GLN C 124 27.59 -23.72 18.23
N GLN C 125 27.55 -24.85 17.65
CA GLN C 125 26.50 -25.82 17.88
C GLN C 125 26.91 -26.80 18.98
N PRO C 126 25.95 -27.51 19.63
CA PRO C 126 26.33 -28.39 20.73
C PRO C 126 27.06 -29.65 20.29
N SER C 127 28.38 -29.55 20.16
CA SER C 127 29.24 -30.67 19.82
C SER C 127 29.38 -31.64 20.99
N THR C 128 30.05 -32.77 20.73
CA THR C 128 30.24 -33.81 21.72
C THR C 128 31.69 -34.00 22.13
N ALA C 129 32.65 -33.83 21.23
CA ALA C 129 34.04 -34.06 21.56
C ALA C 129 34.60 -32.91 22.38
N SER C 130 35.65 -33.20 23.14
CA SER C 130 36.29 -32.21 23.98
C SER C 130 37.31 -31.42 23.21
N SER C 131 37.52 -30.16 23.63
CA SER C 131 38.58 -29.27 23.18
C SER C 131 38.50 -29.01 21.67
N VAL C 132 37.41 -28.34 21.28
CA VAL C 132 37.34 -27.82 19.92
C VAL C 132 38.19 -26.57 19.83
N ASP C 133 38.82 -26.38 18.67
CA ASP C 133 39.65 -25.21 18.43
C ASP C 133 39.64 -24.95 16.93
N ALA C 134 38.80 -24.04 16.51
CA ALA C 134 38.63 -23.88 15.09
C ALA C 134 39.42 -22.70 14.57
N PRO C 135 39.88 -22.76 13.32
CA PRO C 135 40.45 -21.56 12.69
C PRO C 135 39.36 -20.62 12.20
N VAL C 136 39.74 -19.55 11.52
CA VAL C 136 38.76 -18.63 10.96
C VAL C 136 38.03 -19.30 9.82
N GLN C 137 36.80 -18.84 9.56
CA GLN C 137 35.94 -19.47 8.56
C GLN C 137 35.95 -18.64 7.29
N THR C 138 35.76 -19.32 6.17
CA THR C 138 35.68 -18.68 4.86
C THR C 138 34.35 -19.05 4.22
N HIS C 139 33.66 -18.06 3.67
CA HIS C 139 32.36 -18.24 3.05
C HIS C 139 32.43 -17.88 1.58
N GLN C 140 31.54 -18.45 0.79
CA GLN C 140 31.44 -18.15 -0.63
C GLN C 140 29.99 -17.86 -0.98
N ILE C 141 29.77 -16.77 -1.71
CA ILE C 141 28.43 -16.34 -2.10
C ILE C 141 28.40 -16.25 -3.62
N MET C 142 27.75 -17.20 -4.28
CA MET C 142 27.74 -17.30 -5.73
C MET C 142 26.39 -16.84 -6.26
N TYR C 143 26.41 -16.04 -7.32
CA TYR C 143 25.21 -15.52 -7.94
C TYR C 143 25.00 -16.21 -9.28
N VAL C 144 23.93 -16.99 -9.38
CA VAL C 144 23.61 -17.74 -10.58
C VAL C 144 22.55 -16.97 -11.37
N PRO C 145 22.85 -16.50 -12.58
CA PRO C 145 21.85 -15.80 -13.39
C PRO C 145 20.77 -16.76 -13.87
N PRO C 146 19.63 -16.27 -14.38
CA PRO C 146 18.55 -17.18 -14.76
C PRO C 146 18.93 -18.06 -15.96
N GLY C 147 19.09 -19.35 -15.69
CA GLY C 147 19.41 -20.33 -16.70
C GLY C 147 20.69 -21.11 -16.45
N GLY C 148 21.50 -20.67 -15.50
CA GLY C 148 22.79 -21.30 -15.26
C GLY C 148 22.65 -22.62 -14.55
N PRO C 149 23.76 -23.35 -14.46
CA PRO C 149 23.77 -24.60 -13.71
C PRO C 149 23.85 -24.34 -12.21
N VAL C 150 22.95 -24.98 -11.47
CA VAL C 150 22.84 -24.70 -10.05
C VAL C 150 23.50 -25.81 -9.25
N PRO C 151 24.05 -25.51 -8.08
CA PRO C 151 24.58 -26.57 -7.22
C PRO C 151 23.46 -27.37 -6.57
N THR C 152 23.81 -28.60 -6.20
CA THR C 152 22.90 -29.48 -5.49
C THR C 152 23.47 -30.00 -4.18
N LYS C 153 24.77 -29.80 -3.93
CA LYS C 153 25.37 -30.14 -2.65
C LYS C 153 26.52 -29.18 -2.40
N VAL C 154 27.24 -29.41 -1.30
CA VAL C 154 28.30 -28.49 -0.93
C VAL C 154 29.54 -28.71 -1.77
N LYS C 155 29.96 -29.97 -1.92
CA LYS C 155 31.11 -30.29 -2.77
C LYS C 155 30.61 -30.66 -4.17
N ASP C 156 30.47 -29.63 -4.99
CA ASP C 156 29.91 -29.73 -6.32
C ASP C 156 30.87 -29.15 -7.35
N TYR C 157 30.57 -29.40 -8.63
CA TYR C 157 31.32 -28.76 -9.70
C TYR C 157 30.84 -27.34 -9.94
N ALA C 158 29.63 -27.00 -9.52
CA ALA C 158 29.03 -25.73 -9.89
C ALA C 158 29.65 -24.55 -9.16
N TRP C 159 30.46 -24.78 -8.13
CA TRP C 159 31.11 -23.73 -7.39
C TRP C 159 32.46 -23.33 -7.97
N GLN C 160 32.74 -23.71 -9.22
CA GLN C 160 33.98 -23.29 -9.85
C GLN C 160 33.98 -21.80 -10.16
N THR C 161 32.82 -21.25 -10.50
CA THR C 161 32.59 -19.84 -10.83
C THR C 161 33.52 -19.35 -11.94
N SER C 162 33.52 -20.10 -13.04
CA SER C 162 34.32 -19.72 -14.19
C SER C 162 33.71 -18.50 -14.88
N THR C 163 32.39 -18.33 -14.79
CA THR C 163 31.73 -17.16 -15.35
C THR C 163 30.77 -16.46 -14.40
N ASN C 164 30.19 -17.15 -13.43
CA ASN C 164 29.32 -16.48 -12.47
C ASN C 164 30.16 -15.66 -11.49
N PRO C 165 29.73 -14.45 -11.13
CA PRO C 165 30.47 -13.69 -10.13
C PRO C 165 30.21 -14.21 -8.73
N SER C 166 31.25 -14.13 -7.90
CA SER C 166 31.14 -14.59 -6.52
C SER C 166 32.18 -13.89 -5.66
N VAL C 167 31.90 -13.79 -4.37
CA VAL C 167 32.81 -13.19 -3.42
C VAL C 167 33.25 -14.25 -2.42
N PHE C 168 34.48 -14.09 -1.94
CA PHE C 168 35.02 -14.89 -0.86
C PHE C 168 35.31 -13.97 0.31
N TRP C 169 35.14 -14.45 1.53
CA TRP C 169 35.26 -13.57 2.69
C TRP C 169 35.74 -14.38 3.88
N THR C 170 36.65 -13.79 4.65
CA THR C 170 37.21 -14.41 5.83
C THR C 170 36.76 -13.64 7.06
N GLU C 171 36.45 -14.36 8.13
CA GLU C 171 35.78 -13.76 9.29
C GLU C 171 36.68 -12.80 10.04
N GLY C 172 36.10 -11.68 10.47
CA GLY C 172 36.79 -10.67 11.23
C GLY C 172 37.01 -9.38 10.48
N ASN C 173 36.87 -9.36 9.16
CA ASN C 173 37.19 -8.19 8.36
C ASN C 173 35.96 -7.31 8.16
N ALA C 174 36.07 -6.35 7.26
CA ALA C 174 34.95 -5.51 6.89
C ALA C 174 33.96 -6.30 6.05
N PRO C 175 32.67 -5.95 6.08
CA PRO C 175 31.68 -6.71 5.32
C PRO C 175 31.86 -6.52 3.82
N PRO C 176 31.56 -7.54 3.02
CA PRO C 176 31.75 -7.43 1.57
C PRO C 176 30.70 -6.55 0.92
N ARG C 177 31.09 -5.91 -0.17
CA ARG C 177 30.21 -4.95 -0.82
C ARG C 177 30.54 -4.87 -2.30
N MET C 178 29.54 -5.06 -3.15
CA MET C 178 29.65 -4.92 -4.59
C MET C 178 28.75 -3.78 -5.05
N SER C 179 28.63 -3.63 -6.37
CA SER C 179 27.76 -2.63 -6.96
C SER C 179 27.26 -3.15 -8.30
N ILE C 180 25.96 -3.03 -8.52
CA ILE C 180 25.31 -3.69 -9.65
C ILE C 180 24.56 -2.64 -10.47
N PRO C 181 24.74 -2.61 -11.80
CA PRO C 181 24.01 -1.63 -12.62
C PRO C 181 22.54 -1.98 -12.81
N PHE C 182 21.86 -1.22 -13.66
CA PHE C 182 20.46 -1.45 -13.97
C PHE C 182 20.34 -2.67 -14.87
N ILE C 183 20.07 -3.83 -14.29
CA ILE C 183 19.99 -5.09 -15.04
C ILE C 183 18.52 -5.39 -15.31
N SER C 184 18.05 -5.01 -16.48
CA SER C 184 16.65 -5.26 -16.81
C SER C 184 16.47 -5.38 -18.31
N ILE C 185 15.32 -5.90 -18.69
CA ILE C 185 14.95 -5.99 -20.09
C ILE C 185 14.25 -4.72 -20.56
N GLY C 186 13.35 -4.19 -19.75
CA GLY C 186 12.62 -2.99 -20.08
C GLY C 186 13.42 -1.73 -19.82
N ASN C 187 12.70 -0.62 -19.76
CA ASN C 187 13.32 0.67 -19.49
C ASN C 187 13.21 1.10 -18.04
N ALA C 188 12.54 0.31 -17.21
CA ALA C 188 12.38 0.59 -15.79
C ALA C 188 11.93 -0.70 -15.11
N TYR C 189 12.26 -0.82 -13.82
CA TYR C 189 11.67 -1.86 -13.01
C TYR C 189 10.19 -1.55 -12.84
N SER C 190 9.38 -2.58 -12.77
CA SER C 190 7.95 -2.40 -12.57
C SER C 190 7.56 -3.01 -11.24
N CYS C 191 7.08 -2.18 -10.34
CA CYS C 191 6.58 -2.69 -9.07
C CYS C 191 5.19 -3.30 -9.20
N PHE C 192 4.44 -2.91 -10.22
CA PHE C 192 3.08 -3.39 -10.43
C PHE C 192 2.93 -3.85 -11.87
N TYR C 193 2.18 -4.91 -12.06
CA TYR C 193 1.92 -5.43 -13.39
C TYR C 193 0.53 -6.03 -13.41
N ASP C 194 -0.38 -5.40 -14.16
CA ASP C 194 -1.76 -5.84 -14.26
C ASP C 194 -1.89 -6.67 -15.54
N GLY C 195 -1.55 -7.95 -15.44
CA GLY C 195 -1.61 -8.79 -16.61
C GLY C 195 -1.28 -10.22 -16.26
N TRP C 196 -1.26 -11.06 -17.28
CA TRP C 196 -1.02 -12.48 -17.14
C TRP C 196 0.30 -12.85 -17.78
N THR C 197 0.62 -14.14 -17.77
CA THR C 197 1.77 -14.63 -18.53
C THR C 197 1.35 -15.14 -19.89
N GLN C 198 0.46 -16.12 -19.92
CA GLN C 198 -0.01 -16.70 -21.17
C GLN C 198 -0.92 -15.73 -21.90
N PHE C 199 -1.02 -15.93 -23.21
CA PHE C 199 -1.87 -15.09 -24.03
C PHE C 199 -3.32 -15.51 -23.96
N SER C 200 -3.59 -16.70 -23.41
CA SER C 200 -4.94 -17.20 -23.24
C SER C 200 -5.59 -16.68 -21.97
N ARG C 201 -4.86 -15.90 -21.16
CA ARG C 201 -5.33 -15.28 -19.93
C ARG C 201 -5.78 -16.31 -18.90
N ASN C 202 -5.06 -17.42 -18.83
CA ASN C 202 -5.11 -18.31 -17.69
C ASN C 202 -3.76 -18.27 -16.99
N GLY C 203 -3.58 -19.15 -16.02
CA GLY C 203 -2.29 -19.25 -15.37
C GLY C 203 -2.08 -18.18 -14.32
N VAL C 204 -0.85 -17.71 -14.17
CA VAL C 204 -0.53 -16.81 -13.07
C VAL C 204 -0.85 -15.37 -13.47
N TYR C 205 -0.95 -14.52 -12.46
CA TYR C 205 -1.39 -13.13 -12.63
C TYR C 205 -0.53 -12.25 -11.74
N GLY C 206 -0.23 -11.05 -12.21
CA GLY C 206 0.40 -10.09 -11.33
C GLY C 206 1.89 -9.89 -11.53
N ILE C 207 2.60 -9.58 -10.45
CA ILE C 207 4.00 -9.21 -10.53
C ILE C 207 4.93 -10.40 -10.50
N ASN C 208 4.41 -11.61 -10.29
CA ASN C 208 5.24 -12.79 -10.36
C ASN C 208 5.66 -13.11 -11.80
N THR C 209 5.00 -12.51 -12.79
CA THR C 209 5.34 -12.80 -14.17
C THR C 209 6.62 -12.10 -14.59
N LEU C 210 6.87 -10.90 -14.09
CA LEU C 210 8.00 -10.09 -14.52
C LEU C 210 9.28 -10.37 -13.75
N ASN C 211 9.19 -11.04 -12.61
CA ASN C 211 10.32 -11.21 -11.71
C ASN C 211 11.13 -12.42 -12.18
N ASN C 212 12.26 -12.15 -12.83
CA ASN C 212 13.22 -13.19 -13.22
C ASN C 212 14.60 -12.57 -13.07
N MET C 213 15.20 -12.72 -11.88
CA MET C 213 16.43 -12.03 -11.54
C MET C 213 17.56 -12.94 -11.09
N GLY C 214 17.30 -14.22 -10.83
CA GLY C 214 18.36 -15.15 -10.54
C GLY C 214 18.18 -15.81 -9.19
N THR C 215 19.28 -16.38 -8.70
CA THR C 215 19.34 -17.10 -7.45
C THR C 215 20.68 -16.80 -6.79
N LEU C 216 20.72 -16.86 -5.47
CA LEU C 216 21.91 -16.49 -4.70
C LEU C 216 22.23 -17.61 -3.71
N TYR C 217 23.38 -18.26 -3.89
CA TYR C 217 23.76 -19.40 -3.08
C TYR C 217 24.88 -19.03 -2.12
N MET C 218 24.92 -19.71 -0.99
CA MET C 218 25.89 -19.45 0.08
C MET C 218 26.36 -20.77 0.65
N ARG C 219 27.64 -20.86 1.01
CA ARG C 219 28.19 -22.07 1.62
C ARG C 219 29.45 -21.75 2.39
N HIS C 220 29.86 -22.70 3.23
CA HIS C 220 31.14 -22.67 3.90
C HIS C 220 32.21 -23.24 2.99
N VAL C 221 33.32 -22.52 2.83
CA VAL C 221 34.42 -23.09 2.06
C VAL C 221 35.17 -24.13 2.86
N ASN C 222 35.41 -23.87 4.15
CA ASN C 222 36.15 -24.77 5.02
C ASN C 222 35.38 -26.07 5.27
N GLU C 223 36.12 -27.14 5.48
CA GLU C 223 35.54 -28.44 5.75
C GLU C 223 35.23 -28.55 7.23
N ALA C 224 34.39 -29.53 7.57
CA ALA C 224 33.89 -29.66 8.94
C ALA C 224 34.94 -30.35 9.81
N GLY C 225 35.61 -29.58 10.65
CA GLY C 225 36.67 -30.13 11.47
C GLY C 225 36.25 -31.00 12.63
N GLN C 226 35.71 -30.40 13.69
CA GLN C 226 35.32 -31.16 14.88
C GLN C 226 33.98 -30.79 15.47
N GLY C 227 33.47 -29.58 15.23
CA GLY C 227 32.20 -29.18 15.78
C GLY C 227 31.35 -28.52 14.72
N PRO C 228 30.04 -28.76 14.76
CA PRO C 228 29.13 -28.09 13.83
C PRO C 228 29.03 -26.60 14.14
N ILE C 229 28.77 -25.83 13.09
CA ILE C 229 28.70 -24.38 13.14
C ILE C 229 27.53 -23.95 12.28
N LYS C 230 26.65 -23.13 12.83
CA LYS C 230 25.50 -22.62 12.10
C LYS C 230 25.71 -21.14 11.84
N SER C 231 25.75 -20.75 10.58
CA SER C 231 25.98 -19.36 10.20
C SER C 231 24.70 -18.72 9.70
N THR C 232 24.77 -17.41 9.50
CA THR C 232 23.63 -16.60 9.08
C THR C 232 24.14 -15.42 8.29
N VAL C 233 23.55 -15.16 7.13
CA VAL C 233 23.96 -14.06 6.27
C VAL C 233 22.75 -13.16 6.00
N ARG C 234 22.90 -11.87 6.31
CA ARG C 234 21.87 -10.88 6.09
C ARG C 234 22.22 -10.04 4.88
N ILE C 235 21.22 -9.65 4.10
CA ILE C 235 21.42 -9.05 2.79
C ILE C 235 20.82 -7.65 2.80
N TYR C 236 21.59 -6.67 2.37
CA TYR C 236 21.19 -5.26 2.42
C TYR C 236 21.24 -4.65 1.03
N PHE C 237 20.11 -4.07 0.60
CA PHE C 237 20.03 -3.34 -0.66
C PHE C 237 20.18 -1.85 -0.42
N LYS C 238 20.66 -1.13 -1.43
CA LYS C 238 20.83 0.31 -1.36
C LYS C 238 20.73 0.92 -2.75
N PRO C 239 19.63 1.56 -3.10
CA PRO C 239 19.47 2.09 -4.46
C PRO C 239 20.27 3.38 -4.65
N LYS C 240 21.02 3.45 -5.74
CA LYS C 240 21.70 4.66 -6.14
C LYS C 240 21.24 5.07 -7.53
N HIS C 241 21.38 6.37 -7.82
CA HIS C 241 21.05 6.99 -9.10
C HIS C 241 19.58 6.74 -9.49
N VAL C 242 18.70 7.05 -8.55
CA VAL C 242 17.30 6.66 -8.66
C VAL C 242 16.55 7.65 -9.55
N LYS C 243 15.73 7.10 -10.46
CA LYS C 243 14.72 7.86 -11.18
C LYS C 243 13.38 7.17 -10.95
N ALA C 244 12.34 7.95 -10.69
CA ALA C 244 11.06 7.36 -10.33
C ALA C 244 9.94 8.09 -11.05
N TRP C 245 8.96 7.32 -11.52
CA TRP C 245 7.86 7.84 -12.31
C TRP C 245 6.53 7.41 -11.70
N VAL C 246 5.49 8.19 -11.98
CA VAL C 246 4.09 7.90 -11.69
C VAL C 246 3.84 7.57 -10.23
N PRO C 247 3.75 8.57 -9.35
CA PRO C 247 3.48 8.30 -7.92
C PRO C 247 2.12 7.66 -7.70
N ARG C 248 1.94 7.15 -6.48
CA ARG C 248 0.91 6.18 -6.17
C ARG C 248 0.60 6.29 -4.67
N PRO C 249 -0.64 6.08 -4.25
CA PRO C 249 -0.96 6.23 -2.83
C PRO C 249 -0.35 5.10 -2.01
N PRO C 250 0.06 5.38 -0.78
CA PRO C 250 0.70 4.35 0.03
C PRO C 250 -0.30 3.33 0.55
N ARG C 251 0.22 2.15 0.85
CA ARG C 251 -0.61 1.01 1.19
C ARG C 251 -1.19 1.16 2.59
N LEU C 252 -2.49 0.88 2.72
CA LEU C 252 -3.22 0.97 3.98
C LEU C 252 -3.24 -0.34 4.76
N CYS C 253 -3.68 -1.43 4.13
CA CYS C 253 -3.77 -2.72 4.81
C CYS C 253 -2.39 -3.33 4.99
N GLN C 254 -2.34 -4.45 5.70
CA GLN C 254 -1.08 -5.15 5.88
C GLN C 254 -0.86 -6.16 4.77
N TYR C 255 0.40 -6.44 4.49
CA TYR C 255 0.73 -7.37 3.42
C TYR C 255 0.48 -8.80 3.88
N GLU C 256 0.10 -9.66 2.94
CA GLU C 256 -0.28 -11.02 3.25
C GLU C 256 0.64 -12.04 2.58
N LYS C 257 0.91 -11.88 1.30
CA LYS C 257 1.72 -12.84 0.55
C LYS C 257 2.86 -12.13 -0.16
N GLN C 258 3.71 -12.92 -0.81
CA GLN C 258 4.85 -12.45 -1.56
C GLN C 258 4.54 -12.19 -3.03
N LYS C 259 3.88 -13.14 -3.67
CA LYS C 259 3.72 -13.09 -5.12
C LYS C 259 2.69 -12.06 -5.56
N ASN C 260 1.70 -11.77 -4.73
CA ASN C 260 0.58 -10.98 -5.17
C ASN C 260 0.14 -9.94 -4.16
N VAL C 261 -0.95 -9.24 -4.46
CA VAL C 261 -1.38 -8.04 -3.74
C VAL C 261 -2.65 -8.33 -2.93
N ASN C 262 -2.78 -9.55 -2.44
CA ASN C 262 -3.98 -9.93 -1.72
C ASN C 262 -3.96 -9.32 -0.32
N PHE C 263 -5.16 -9.05 0.20
CA PHE C 263 -5.30 -8.36 1.47
C PHE C 263 -6.63 -8.73 2.10
N SER C 264 -6.77 -8.37 3.36
CA SER C 264 -8.05 -8.39 4.06
C SER C 264 -8.43 -6.97 4.42
N PRO C 265 -9.68 -6.57 4.25
CA PRO C 265 -10.03 -5.15 4.33
C PRO C 265 -9.93 -4.61 5.74
N ILE C 266 -9.75 -3.29 5.84
CA ILE C 266 -9.53 -2.60 7.10
C ILE C 266 -10.22 -1.25 7.01
N GLY C 267 -10.46 -0.64 8.16
CA GLY C 267 -11.04 0.69 8.18
C GLY C 267 -10.07 1.74 7.70
N VAL C 268 -10.61 2.92 7.39
CA VAL C 268 -9.77 3.99 6.87
C VAL C 268 -8.88 4.56 7.97
N THR C 269 -9.47 4.91 9.11
CA THR C 269 -8.72 5.45 10.23
C THR C 269 -9.19 4.80 11.50
N THR C 270 -8.49 5.07 12.59
CA THR C 270 -9.03 4.78 13.90
C THR C 270 -10.11 5.81 14.24
N SER C 271 -10.97 5.45 15.19
CA SER C 271 -12.17 6.22 15.45
C SER C 271 -12.04 7.05 16.72
N ARG C 272 -12.71 8.19 16.73
CA ARG C 272 -12.89 9.03 17.90
C ARG C 272 -14.36 9.03 18.28
N THR C 273 -14.67 9.63 19.43
CA THR C 273 -16.00 9.52 19.99
C THR C 273 -17.02 10.47 19.39
N ASP C 274 -16.58 11.53 18.73
CA ASP C 274 -17.50 12.54 18.23
C ASP C 274 -16.89 13.23 17.02
N ILE C 275 -17.66 14.15 16.44
CA ILE C 275 -17.15 14.96 15.35
C ILE C 275 -16.62 16.30 15.84
N ILE C 276 -16.86 16.65 17.09
CA ILE C 276 -16.37 17.91 17.66
C ILE C 276 -15.31 17.68 18.72
N THR C 277 -14.94 16.43 18.99
CA THR C 277 -13.99 16.15 20.05
C THR C 277 -12.56 16.46 19.62
N THR C 278 -11.78 16.94 20.56
CA THR C 278 -10.39 17.30 20.30
C THR C 278 -9.43 16.47 21.14
N SER D 10 -17.42 32.19 -22.59
CA SER D 10 -17.85 31.25 -21.56
C SER D 10 -16.92 30.04 -21.53
N ASP D 11 -16.37 29.74 -20.35
CA ASP D 11 -15.49 28.60 -20.16
C ASP D 11 -16.26 27.34 -19.78
N ARG D 12 -17.59 27.34 -19.94
CA ARG D 12 -18.42 26.22 -19.56
C ARG D 12 -18.81 25.34 -20.73
N VAL D 13 -18.47 25.71 -21.96
CA VAL D 13 -18.80 24.94 -23.15
C VAL D 13 -17.51 24.44 -23.78
N ARG D 14 -17.55 23.21 -24.28
CA ARG D 14 -16.46 22.64 -25.06
C ARG D 14 -17.04 21.97 -26.30
N SER D 15 -16.16 21.52 -27.17
CA SER D 15 -16.55 20.75 -28.34
C SER D 15 -15.35 19.92 -28.75
N ILE D 16 -15.48 18.60 -28.72
CA ILE D 16 -14.40 17.69 -29.09
C ILE D 16 -14.80 17.02 -30.40
N THR D 17 -13.83 16.86 -31.29
CA THR D 17 -14.07 16.27 -32.60
C THR D 17 -12.95 15.28 -32.89
N LEU D 18 -13.32 14.04 -33.22
CA LEU D 18 -12.35 12.99 -33.48
C LEU D 18 -12.94 12.05 -34.50
N GLY D 19 -12.42 12.08 -35.71
CA GLY D 19 -12.95 11.21 -36.76
C GLY D 19 -14.27 11.73 -37.23
N ASN D 20 -15.26 10.85 -37.31
CA ASN D 20 -16.61 11.24 -37.71
C ASN D 20 -17.57 11.34 -36.54
N SER D 21 -17.05 11.65 -35.35
CA SER D 21 -17.88 11.77 -34.16
C SER D 21 -17.59 13.10 -33.49
N THR D 22 -18.59 13.63 -32.79
CA THR D 22 -18.51 14.94 -32.17
C THR D 22 -19.18 14.89 -30.81
N ILE D 23 -18.53 15.44 -29.80
CA ILE D 23 -19.09 15.55 -28.45
C ILE D 23 -19.21 17.02 -28.13
N THR D 24 -20.43 17.48 -27.88
CA THR D 24 -20.66 18.83 -27.41
C THR D 24 -21.15 18.78 -25.97
N THR D 25 -20.78 19.78 -25.19
CA THR D 25 -21.19 19.86 -23.81
C THR D 25 -21.58 21.30 -23.50
N GLN D 26 -22.45 21.44 -22.52
CA GLN D 26 -23.11 22.71 -22.28
C GLN D 26 -22.71 23.35 -20.96
N GLU D 27 -22.66 22.57 -19.89
CA GLU D 27 -22.05 23.00 -18.64
C GLU D 27 -21.03 21.96 -18.23
N CYS D 28 -19.80 22.38 -17.99
CA CYS D 28 -18.73 21.45 -17.71
C CYS D 28 -17.58 22.18 -17.04
N ALA D 29 -16.74 21.41 -16.37
CA ALA D 29 -15.51 21.95 -15.79
C ALA D 29 -14.45 22.02 -16.88
N ASN D 30 -13.20 22.21 -16.49
CA ASN D 30 -12.14 22.20 -17.49
C ASN D 30 -11.81 20.76 -17.89
N VAL D 31 -10.90 20.61 -18.84
CA VAL D 31 -10.45 19.29 -19.26
C VAL D 31 -9.06 19.04 -18.66
N VAL D 32 -8.86 17.83 -18.17
CA VAL D 32 -7.63 17.44 -17.49
C VAL D 32 -6.79 16.62 -18.44
N VAL D 33 -5.57 17.03 -18.67
CA VAL D 33 -4.68 16.35 -19.61
C VAL D 33 -3.56 15.69 -18.82
N GLY D 34 -3.65 14.36 -18.74
CA GLY D 34 -2.57 13.43 -18.42
C GLY D 34 -1.76 13.77 -17.20
N TYR D 35 -0.46 13.55 -17.31
CA TYR D 35 0.52 14.11 -16.40
C TYR D 35 1.17 15.34 -17.01
N GLY D 36 0.41 16.08 -17.79
CA GLY D 36 0.91 17.26 -18.46
C GLY D 36 1.24 17.07 -19.92
N VAL D 37 1.26 15.85 -20.42
CA VAL D 37 1.66 15.59 -21.79
C VAL D 37 0.45 15.13 -22.60
N TRP D 38 0.51 15.39 -23.88
CA TRP D 38 -0.46 15.09 -24.91
C TRP D 38 -0.05 13.84 -25.68
N PRO D 39 -1.01 13.01 -26.10
CA PRO D 39 -0.66 11.78 -26.83
C PRO D 39 -0.11 12.07 -28.22
N GLU D 40 1.11 11.58 -28.46
CA GLU D 40 1.77 11.72 -29.74
C GLU D 40 2.20 10.34 -30.23
N TYR D 41 2.86 10.33 -31.38
CA TYR D 41 3.33 9.08 -31.96
C TYR D 41 4.71 8.73 -31.45
N LEU D 42 5.10 7.47 -31.66
CA LEU D 42 6.38 6.98 -31.18
C LEU D 42 7.52 7.53 -32.02
N LYS D 43 8.55 8.03 -31.35
CA LYS D 43 9.66 8.66 -32.04
C LYS D 43 10.63 7.60 -32.57
N ASP D 44 11.64 8.05 -33.31
CA ASP D 44 12.56 7.12 -33.97
C ASP D 44 13.73 6.73 -33.09
N ASN D 45 14.10 7.56 -32.12
CA ASN D 45 15.18 7.22 -31.21
C ASN D 45 14.69 6.40 -30.02
N GLU D 46 13.41 6.05 -29.97
CA GLU D 46 12.85 5.26 -28.89
C GLU D 46 12.25 3.94 -29.36
N ALA D 47 12.07 3.75 -30.66
CA ALA D 47 11.42 2.56 -31.17
C ALA D 47 12.35 1.35 -31.06
N THR D 48 11.75 0.17 -30.97
CA THR D 48 12.51 -1.07 -30.87
C THR D 48 12.16 -2.11 -31.93
N ALA D 49 10.98 -2.08 -32.52
CA ALA D 49 10.64 -2.96 -33.62
C ALA D 49 11.08 -2.32 -34.93
N GLU D 50 11.37 -3.14 -35.92
CA GLU D 50 11.95 -2.63 -37.15
C GLU D 50 10.92 -2.44 -38.26
N ASP D 51 9.88 -3.26 -38.31
CA ASP D 51 8.92 -3.17 -39.39
C ASP D 51 8.00 -1.96 -39.20
N GLN D 52 7.34 -1.57 -40.28
CA GLN D 52 6.62 -0.29 -40.30
C GLN D 52 5.27 -0.43 -39.60
N PRO D 53 4.89 0.49 -38.74
CA PRO D 53 3.61 0.39 -38.06
C PRO D 53 2.45 0.83 -38.94
N THR D 54 1.27 0.33 -38.59
CA THR D 54 0.03 0.70 -39.27
C THR D 54 -0.68 1.77 -38.46
N GLN D 55 -0.88 2.94 -39.06
CA GLN D 55 -1.57 4.05 -38.40
C GLN D 55 -2.83 4.37 -39.20
N PRO D 56 -3.96 3.75 -38.87
CA PRO D 56 -5.18 4.00 -39.65
C PRO D 56 -5.84 5.33 -39.34
N ASP D 57 -5.90 5.70 -38.05
CA ASP D 57 -6.03 7.04 -37.49
C ASP D 57 -7.31 7.83 -37.83
N VAL D 58 -8.24 7.28 -38.59
CA VAL D 58 -9.56 7.89 -38.71
C VAL D 58 -10.58 6.80 -38.41
N ALA D 59 -10.21 5.56 -38.71
CA ALA D 59 -11.11 4.44 -38.50
C ALA D 59 -11.12 3.96 -37.06
N THR D 60 -10.04 4.19 -36.30
CA THR D 60 -9.95 3.76 -34.93
C THR D 60 -9.92 4.89 -33.92
N CYS D 61 -9.66 6.11 -34.34
CA CYS D 61 -9.65 7.25 -33.42
C CYS D 61 -10.96 8.01 -33.55
N ARG D 62 -11.98 7.49 -32.86
CA ARG D 62 -13.29 8.11 -32.80
C ARG D 62 -13.95 7.64 -31.52
N PHE D 63 -15.07 8.28 -31.17
CA PHE D 63 -15.68 8.06 -29.87
C PHE D 63 -16.50 6.78 -29.86
N TYR D 64 -16.15 5.85 -28.98
CA TYR D 64 -16.88 4.61 -28.78
C TYR D 64 -17.63 4.69 -27.46
N THR D 65 -18.93 4.49 -27.51
CA THR D 65 -19.79 4.62 -26.34
C THR D 65 -20.04 3.27 -25.72
N LEU D 66 -19.72 3.12 -24.44
CA LEU D 66 -19.99 1.89 -23.73
C LEU D 66 -21.45 1.83 -23.28
N GLU D 67 -21.78 0.81 -22.50
CA GLU D 67 -23.13 0.70 -21.99
C GLU D 67 -23.35 1.64 -20.81
N SER D 68 -24.62 1.86 -20.50
CA SER D 68 -25.03 2.78 -19.45
C SER D 68 -25.36 2.02 -18.18
N VAL D 69 -24.97 2.59 -17.05
CA VAL D 69 -25.25 2.01 -15.74
C VAL D 69 -26.14 2.97 -14.97
N GLN D 70 -26.95 2.41 -14.09
CA GLN D 70 -27.91 3.18 -13.32
C GLN D 70 -27.32 3.55 -11.97
N TRP D 71 -27.40 4.83 -11.62
CA TRP D 71 -26.96 5.30 -10.32
C TRP D 71 -28.11 5.17 -9.34
N MET D 72 -28.04 4.18 -8.46
CA MET D 72 -29.05 3.98 -7.44
C MET D 72 -28.65 4.76 -6.20
N LYS D 73 -29.52 4.72 -5.18
CA LYS D 73 -29.17 5.37 -3.93
C LYS D 73 -28.13 4.57 -3.15
N ASN D 74 -28.32 3.26 -3.08
CA ASN D 74 -27.36 2.37 -2.42
C ASN D 74 -26.36 1.79 -3.41
N SER D 75 -25.71 2.64 -4.20
CA SER D 75 -24.77 2.21 -5.21
C SER D 75 -23.36 2.54 -4.77
N ALA D 76 -22.43 1.63 -5.03
CA ALA D 76 -21.09 1.71 -4.46
C ALA D 76 -20.01 2.12 -5.44
N GLY D 77 -20.09 1.72 -6.70
CA GLY D 77 -19.07 2.08 -7.66
C GLY D 77 -19.03 1.11 -8.81
N TRP D 78 -18.18 1.43 -9.79
CA TRP D 78 -17.99 0.62 -10.98
C TRP D 78 -16.54 0.71 -11.41
N TRP D 79 -16.09 -0.24 -12.24
CA TRP D 79 -14.77 -0.12 -12.85
C TRP D 79 -14.75 -0.78 -14.22
N TRP D 80 -13.91 -0.23 -15.10
CA TRP D 80 -13.69 -0.74 -16.45
C TRP D 80 -12.19 -0.88 -16.67
N LYS D 81 -11.77 -1.97 -17.32
CA LYS D 81 -10.38 -2.14 -17.71
C LYS D 81 -10.22 -1.67 -19.15
N LEU D 82 -9.31 -0.73 -19.37
CA LEU D 82 -9.52 0.19 -20.47
C LEU D 82 -9.11 -0.30 -21.87
N PRO D 83 -7.97 -0.99 -22.11
CA PRO D 83 -7.81 -1.59 -23.44
C PRO D 83 -8.42 -2.98 -23.53
N ASP D 84 -9.59 -3.17 -22.93
CA ASP D 84 -10.27 -4.46 -22.94
C ASP D 84 -11.74 -4.24 -23.21
N ALA D 85 -12.25 -3.06 -22.83
CA ALA D 85 -13.65 -2.76 -23.09
C ALA D 85 -13.89 -2.53 -24.57
N LEU D 86 -12.89 -2.03 -25.29
CA LEU D 86 -12.99 -1.80 -26.72
C LEU D 86 -12.42 -2.95 -27.53
N SER D 87 -12.53 -4.17 -27.04
CA SER D 87 -12.03 -5.33 -27.77
C SER D 87 -13.04 -5.87 -28.76
N GLN D 88 -14.27 -5.36 -28.77
CA GLN D 88 -15.29 -5.70 -29.75
C GLN D 88 -15.98 -4.46 -30.25
N MET D 89 -15.23 -3.38 -30.43
CA MET D 89 -15.77 -2.09 -30.85
C MET D 89 -15.16 -1.73 -32.20
N GLY D 90 -15.79 -2.18 -33.28
CA GLY D 90 -15.47 -1.66 -34.60
C GLY D 90 -14.14 -2.13 -35.11
N LEU D 91 -13.41 -1.23 -35.76
CA LEU D 91 -12.11 -1.52 -36.32
C LEU D 91 -10.98 -1.34 -35.32
N PHE D 92 -11.29 -0.93 -34.09
CA PHE D 92 -10.27 -0.95 -33.06
C PHE D 92 -10.12 -2.34 -32.46
N GLY D 93 -11.23 -3.06 -32.34
CA GLY D 93 -11.14 -4.43 -31.87
C GLY D 93 -10.65 -5.42 -32.90
N GLN D 94 -10.76 -5.09 -34.18
CA GLN D 94 -10.28 -5.96 -35.24
C GLN D 94 -8.80 -5.77 -35.51
N ASN D 95 -8.28 -4.57 -35.31
CA ASN D 95 -6.84 -4.38 -35.42
C ASN D 95 -6.09 -4.99 -34.25
N MET D 96 -6.74 -5.08 -33.08
CA MET D 96 -6.10 -5.65 -31.90
C MET D 96 -5.89 -7.15 -32.03
N GLN D 97 -6.69 -7.82 -32.85
CA GLN D 97 -6.58 -9.27 -32.96
C GLN D 97 -5.53 -9.69 -33.96
N TYR D 98 -5.44 -9.02 -35.10
CA TYR D 98 -4.52 -9.42 -36.14
C TYR D 98 -3.10 -8.93 -35.90
N HIS D 99 -2.88 -8.10 -34.88
CA HIS D 99 -1.57 -7.54 -34.59
C HIS D 99 -1.06 -8.05 -33.26
N TYR D 100 0.25 -7.97 -33.07
CA TYR D 100 0.88 -8.47 -31.86
C TYR D 100 1.16 -7.34 -30.87
N LEU D 101 1.59 -6.17 -31.35
CA LEU D 101 1.91 -5.04 -30.50
C LEU D 101 0.90 -3.93 -30.68
N GLY D 102 1.13 -2.82 -29.97
CA GLY D 102 0.24 -1.69 -30.09
C GLY D 102 0.37 -0.70 -28.96
N ARG D 103 0.25 0.58 -29.25
CA ARG D 103 0.27 1.63 -28.24
C ARG D 103 -0.85 2.61 -28.54
N THR D 104 -1.40 3.20 -27.48
CA THR D 104 -2.62 3.99 -27.60
C THR D 104 -2.68 4.97 -26.45
N GLY D 105 -3.11 6.21 -26.72
CA GLY D 105 -3.57 7.12 -25.70
C GLY D 105 -5.07 7.29 -25.81
N TYR D 106 -5.69 7.71 -24.71
CA TYR D 106 -7.14 7.75 -24.62
C TYR D 106 -7.66 9.14 -24.28
N THR D 107 -8.91 9.38 -24.65
CA THR D 107 -9.68 10.48 -24.09
C THR D 107 -11.03 9.93 -23.63
N ILE D 108 -11.41 10.30 -22.40
CA ILE D 108 -12.52 9.69 -21.69
C ILE D 108 -13.50 10.80 -21.34
N HIS D 109 -14.79 10.55 -21.57
CA HIS D 109 -15.83 11.53 -21.31
C HIS D 109 -16.98 10.85 -20.58
N VAL D 110 -17.05 11.04 -19.28
CA VAL D 110 -18.13 10.54 -18.45
C VAL D 110 -19.20 11.63 -18.39
N GLN D 111 -20.46 11.24 -18.52
CA GLN D 111 -21.55 12.20 -18.55
C GLN D 111 -22.74 11.66 -17.77
N CYS D 112 -23.29 12.50 -16.90
CA CYS D 112 -24.37 12.09 -16.00
C CYS D 112 -25.15 13.33 -15.63
N ASN D 113 -26.37 13.46 -16.17
CA ASN D 113 -27.15 14.67 -16.05
C ASN D 113 -28.29 14.48 -15.08
N ALA D 114 -28.66 15.57 -14.40
CA ALA D 114 -29.75 15.59 -13.45
C ALA D 114 -30.28 17.01 -13.37
N SER D 115 -31.21 17.24 -12.45
CA SER D 115 -31.85 18.53 -12.33
C SER D 115 -31.19 19.36 -11.23
N LYS D 116 -31.79 20.49 -10.90
CA LYS D 116 -31.33 21.33 -9.80
C LYS D 116 -31.98 20.94 -8.49
N PHE D 117 -32.69 19.82 -8.44
CA PHE D 117 -33.31 19.33 -7.23
C PHE D 117 -32.68 18.04 -6.76
N HIS D 118 -31.76 17.47 -7.53
CA HIS D 118 -30.99 16.30 -7.17
C HIS D 118 -29.69 16.71 -6.53
N GLN D 119 -29.05 15.76 -5.85
CA GLN D 119 -27.78 16.04 -5.21
C GLN D 119 -26.95 14.77 -5.14
N GLY D 120 -25.65 14.95 -5.24
CA GLY D 120 -24.72 13.82 -5.25
C GLY D 120 -23.36 14.27 -5.72
N CYS D 121 -22.46 13.30 -5.80
CA CYS D 121 -21.07 13.56 -6.15
C CYS D 121 -20.43 12.27 -6.63
N LEU D 122 -19.59 12.37 -7.66
CA LEU D 122 -18.85 11.23 -8.19
C LEU D 122 -17.38 11.59 -8.29
N LEU D 123 -16.53 10.58 -8.18
CA LEU D 123 -15.10 10.74 -8.41
C LEU D 123 -14.72 9.91 -9.63
N VAL D 124 -14.27 10.57 -10.68
CA VAL D 124 -13.89 9.92 -11.92
C VAL D 124 -12.37 9.94 -11.96
N VAL D 125 -11.74 8.80 -11.69
CA VAL D 125 -10.30 8.71 -11.57
C VAL D 125 -9.81 7.61 -12.50
N CYS D 126 -8.65 7.84 -13.13
CA CYS D 126 -8.08 6.91 -14.09
C CYS D 126 -6.72 6.47 -13.57
N VAL D 127 -6.63 5.22 -13.12
CA VAL D 127 -5.49 4.70 -12.38
C VAL D 127 -4.71 3.74 -13.27
N PRO D 128 -3.39 3.91 -13.43
CA PRO D 128 -2.59 2.92 -14.16
C PRO D 128 -2.13 1.77 -13.30
N GLU D 129 -2.09 0.58 -13.93
CA GLU D 129 -1.59 -0.67 -13.35
C GLU D 129 -2.32 -1.05 -12.06
N ALA D 130 -3.63 -0.98 -12.10
CA ALA D 130 -4.47 -1.27 -10.93
C ALA D 130 -4.58 -2.78 -10.77
N GLU D 131 -3.70 -3.35 -9.95
CA GLU D 131 -3.79 -4.77 -9.65
C GLU D 131 -4.86 -5.01 -8.59
N MET D 132 -5.78 -5.93 -8.86
CA MET D 132 -6.84 -6.25 -7.93
C MET D 132 -6.45 -7.48 -7.11
N GLY D 133 -6.97 -7.52 -5.89
CA GLY D 133 -6.69 -8.61 -4.98
C GLY D 133 -7.88 -9.54 -4.84
N CYS D 134 -7.60 -10.83 -4.74
CA CYS D 134 -8.63 -11.84 -4.67
C CYS D 134 -9.24 -11.89 -3.28
N SER D 135 -10.41 -12.52 -3.18
CA SER D 135 -11.08 -12.63 -1.89
C SER D 135 -10.40 -13.66 -1.00
N ASN D 136 -10.09 -14.82 -1.56
CA ASN D 136 -9.30 -15.82 -0.85
C ASN D 136 -7.83 -15.41 -0.92
N LEU D 137 -7.16 -15.43 0.22
CA LEU D 137 -5.84 -14.84 0.35
C LEU D 137 -4.72 -15.69 -0.24
N ASN D 138 -5.02 -16.75 -0.97
CA ASN D 138 -4.00 -17.59 -1.58
C ASN D 138 -4.03 -17.56 -3.10
N ASN D 139 -5.20 -17.48 -3.73
CA ASN D 139 -5.33 -17.52 -5.17
C ASN D 139 -5.30 -16.11 -5.74
N THR D 140 -5.53 -16.03 -7.04
CA THR D 140 -5.63 -14.83 -7.85
C THR D 140 -7.00 -14.80 -8.53
N PRO D 141 -7.55 -13.62 -8.83
CA PRO D 141 -8.87 -13.58 -9.48
C PRO D 141 -8.79 -14.04 -10.92
N GLU D 142 -9.89 -14.60 -11.40
CA GLU D 142 -9.92 -15.11 -12.76
C GLU D 142 -10.21 -13.97 -13.73
N PHE D 143 -10.28 -14.32 -15.02
CA PHE D 143 -10.41 -13.28 -16.05
C PHE D 143 -11.83 -12.75 -16.11
N SER D 144 -12.83 -13.60 -15.89
CA SER D 144 -14.22 -13.17 -15.98
C SER D 144 -14.62 -12.24 -14.86
N GLU D 145 -13.96 -12.32 -13.70
CA GLU D 145 -14.30 -11.44 -12.59
C GLU D 145 -13.54 -10.13 -12.63
N LEU D 146 -12.44 -10.06 -13.37
CA LEU D 146 -11.66 -8.83 -13.44
C LEU D 146 -12.25 -7.83 -14.41
N SER D 147 -12.78 -8.29 -15.54
CA SER D 147 -13.27 -7.38 -16.56
C SER D 147 -14.30 -8.11 -17.42
N GLY D 148 -15.33 -7.37 -17.80
CA GLY D 148 -16.26 -7.83 -18.81
C GLY D 148 -16.13 -6.95 -20.03
N GLY D 149 -16.55 -7.45 -21.19
CA GLY D 149 -16.50 -6.66 -22.39
C GLY D 149 -17.53 -5.54 -22.37
N ASP D 150 -17.03 -4.30 -22.21
CA ASP D 150 -17.78 -3.03 -22.06
C ASP D 150 -19.01 -3.14 -21.16
N SER D 151 -18.89 -3.90 -20.09
CA SER D 151 -19.90 -3.99 -19.05
C SER D 151 -19.22 -3.71 -17.73
N ALA D 152 -19.84 -2.86 -16.91
CA ALA D 152 -19.24 -2.43 -15.68
C ALA D 152 -19.24 -3.53 -14.64
N ARG D 153 -18.08 -3.84 -14.10
CA ARG D 153 -17.99 -4.64 -12.89
C ARG D 153 -18.05 -3.68 -11.72
N MET D 154 -18.88 -4.01 -10.74
CA MET D 154 -19.26 -3.05 -9.72
C MET D 154 -18.71 -3.45 -8.36
N PHE D 155 -18.39 -2.46 -7.54
CA PHE D 155 -17.93 -2.69 -6.19
C PHE D 155 -19.11 -3.07 -5.28
N THR D 156 -18.78 -3.35 -4.04
CA THR D 156 -19.78 -3.61 -3.00
C THR D 156 -19.43 -2.77 -1.79
N ASP D 157 -20.40 -2.62 -0.90
CA ASP D 157 -20.15 -1.94 0.36
C ASP D 157 -19.91 -2.91 1.51
N THR D 158 -20.02 -4.21 1.26
CA THR D 158 -19.71 -5.23 2.23
C THR D 158 -18.43 -5.95 1.82
N GLN D 159 -18.03 -6.94 2.61
CA GLN D 159 -16.81 -7.69 2.38
C GLN D 159 -17.14 -9.04 1.78
N VAL D 160 -16.45 -9.39 0.69
CA VAL D 160 -16.60 -10.72 0.11
C VAL D 160 -15.82 -11.72 0.95
N GLY D 161 -16.50 -12.76 1.43
CA GLY D 161 -15.88 -13.68 2.35
C GLY D 161 -14.92 -14.62 1.66
N GLU D 162 -14.11 -15.30 2.48
CA GLU D 162 -13.04 -16.16 1.99
C GLU D 162 -13.55 -17.48 1.41
N SER D 163 -14.81 -17.83 1.64
CA SER D 163 -15.35 -19.06 1.08
C SER D 163 -15.55 -18.98 -0.42
N ASN D 164 -15.66 -17.78 -0.97
CA ASN D 164 -15.62 -17.60 -2.42
C ASN D 164 -14.21 -17.89 -2.91
N ALA D 165 -14.08 -18.85 -3.83
CA ALA D 165 -12.78 -19.38 -4.18
C ALA D 165 -11.96 -18.39 -5.01
N LYS D 166 -12.47 -17.99 -6.16
CA LYS D 166 -11.77 -17.08 -7.06
C LYS D 166 -12.72 -15.94 -7.45
N LYS D 167 -12.76 -14.92 -6.62
CA LYS D 167 -13.51 -13.70 -6.89
C LYS D 167 -12.64 -12.52 -6.50
N VAL D 168 -13.10 -11.32 -6.78
CA VAL D 168 -12.36 -10.09 -6.49
C VAL D 168 -12.86 -9.52 -5.17
N GLN D 169 -11.93 -9.05 -4.35
CA GLN D 169 -12.30 -8.35 -3.12
C GLN D 169 -12.85 -6.99 -3.49
N THR D 170 -14.15 -6.79 -3.27
CA THR D 170 -14.85 -5.61 -3.74
C THR D 170 -15.38 -4.78 -2.59
N ALA D 171 -14.55 -4.56 -1.56
CA ALA D 171 -14.86 -3.59 -0.52
C ALA D 171 -14.47 -2.21 -1.01
N VAL D 172 -15.44 -1.30 -1.10
CA VAL D 172 -15.25 -0.08 -1.88
C VAL D 172 -14.35 0.93 -1.18
N TRP D 173 -14.25 0.90 0.15
CA TRP D 173 -13.44 1.89 0.84
C TRP D 173 -11.95 1.60 0.73
N ASN D 174 -11.56 0.43 0.25
CA ASN D 174 -10.17 0.09 0.00
C ASN D 174 -9.84 0.07 -1.49
N ALA D 175 -10.83 0.31 -2.35
CA ALA D 175 -10.71 0.44 -3.80
C ALA D 175 -10.14 -0.80 -4.47
N GLY D 176 -10.25 -1.98 -3.84
CA GLY D 176 -9.82 -3.22 -4.44
C GLY D 176 -8.32 -3.45 -4.50
N MET D 177 -7.50 -2.44 -4.22
CA MET D 177 -6.06 -2.58 -4.29
C MET D 177 -5.38 -2.43 -2.93
N GLY D 178 -6.13 -2.18 -1.87
CA GLY D 178 -5.56 -2.11 -0.54
C GLY D 178 -5.15 -0.75 -0.06
N VAL D 179 -5.45 0.30 -0.83
CA VAL D 179 -5.09 1.66 -0.44
C VAL D 179 -6.35 2.37 0.02
N GLY D 180 -6.20 3.50 0.70
CA GLY D 180 -7.34 4.27 1.14
C GLY D 180 -7.99 4.95 -0.04
N VAL D 181 -9.33 4.91 -0.07
CA VAL D 181 -10.04 5.42 -1.25
C VAL D 181 -10.02 6.95 -1.28
N GLY D 182 -9.77 7.61 -0.15
CA GLY D 182 -9.67 9.05 -0.17
C GLY D 182 -8.40 9.57 -0.79
N ASN D 183 -7.33 8.78 -0.77
CA ASN D 183 -6.03 9.17 -1.31
C ASN D 183 -5.91 8.88 -2.78
N LEU D 184 -6.99 8.51 -3.46
CA LEU D 184 -6.98 8.23 -4.88
C LEU D 184 -6.98 9.48 -5.74
N THR D 185 -6.89 10.67 -5.15
CA THR D 185 -6.84 11.90 -5.91
C THR D 185 -5.42 12.30 -6.27
N ILE D 186 -4.50 11.34 -6.32
CA ILE D 186 -3.16 11.61 -6.83
C ILE D 186 -3.04 11.22 -8.30
N PHE D 187 -3.83 10.28 -8.76
CA PHE D 187 -3.98 9.96 -10.15
C PHE D 187 -4.77 11.06 -10.84
N PRO D 188 -4.61 11.22 -12.17
CA PRO D 188 -5.38 12.26 -12.87
C PRO D 188 -6.87 11.97 -12.84
N HIS D 189 -7.63 12.93 -12.31
CA HIS D 189 -9.00 12.70 -11.91
C HIS D 189 -9.82 13.97 -12.10
N GLN D 190 -11.11 13.85 -11.80
CA GLN D 190 -12.07 14.93 -11.90
C GLN D 190 -13.32 14.52 -11.14
N TRP D 191 -14.03 15.51 -10.60
CA TRP D 191 -15.26 15.26 -9.87
C TRP D 191 -16.46 15.63 -10.71
N ILE D 192 -17.59 14.99 -10.45
CA ILE D 192 -18.88 15.38 -11.01
C ILE D 192 -19.76 15.77 -9.83
N ASN D 193 -19.89 17.07 -9.60
CA ASN D 193 -20.79 17.59 -8.58
C ASN D 193 -22.07 18.02 -9.25
N LEU D 194 -23.20 17.39 -8.88
CA LEU D 194 -24.46 17.65 -9.55
C LEU D 194 -25.02 19.04 -9.26
N ARG D 195 -24.43 19.76 -8.30
CA ARG D 195 -24.76 21.14 -8.08
C ARG D 195 -24.31 22.03 -9.24
N THR D 196 -23.08 21.82 -9.73
CA THR D 196 -22.53 22.66 -10.77
C THR D 196 -22.06 21.90 -12.00
N ASN D 197 -21.45 20.74 -11.84
CA ASN D 197 -20.84 20.02 -12.95
C ASN D 197 -21.87 19.14 -13.64
N ASN D 198 -21.52 18.72 -14.85
CA ASN D 198 -22.38 17.82 -15.62
C ASN D 198 -21.62 16.70 -16.31
N SER D 199 -20.32 16.86 -16.55
CA SER D 199 -19.53 15.85 -17.25
C SER D 199 -18.07 16.07 -16.92
N ALA D 200 -17.31 14.97 -16.96
CA ALA D 200 -15.88 15.01 -16.64
C ALA D 200 -15.10 14.43 -17.81
N THR D 201 -14.08 15.15 -18.25
CA THR D 201 -13.30 14.81 -19.42
C THR D 201 -11.84 14.65 -19.05
N LEU D 202 -11.23 13.55 -19.46
CA LEU D 202 -9.84 13.26 -19.17
C LEU D 202 -9.11 12.87 -20.45
N VAL D 203 -7.86 13.25 -20.57
CA VAL D 203 -6.98 12.83 -21.65
C VAL D 203 -5.83 12.08 -21.02
N MET D 204 -5.55 10.87 -21.48
CA MET D 204 -4.50 10.07 -20.90
C MET D 204 -3.48 9.69 -21.97
N PRO D 205 -2.20 9.88 -21.73
CA PRO D 205 -1.18 9.44 -22.68
C PRO D 205 -0.87 7.96 -22.46
N TYR D 206 0.12 7.47 -23.20
CA TYR D 206 0.53 6.08 -23.07
C TYR D 206 1.57 5.98 -21.97
N ILE D 207 1.22 5.31 -20.87
CA ILE D 207 2.11 5.13 -19.73
C ILE D 207 2.45 3.67 -19.61
N ASN D 208 3.71 3.33 -19.88
CA ASN D 208 4.20 1.97 -19.72
C ASN D 208 5.72 2.03 -19.64
N SER D 209 6.31 0.95 -19.12
CA SER D 209 7.76 0.83 -19.00
C SER D 209 8.41 0.33 -20.27
N VAL D 210 7.63 -0.09 -21.26
CA VAL D 210 8.13 -0.52 -22.56
C VAL D 210 7.44 0.32 -23.61
N PRO D 211 8.10 0.58 -24.76
CA PRO D 211 7.49 1.45 -25.77
C PRO D 211 6.26 0.89 -26.44
N MET D 212 6.12 -0.42 -26.56
CA MET D 212 4.93 -1.03 -27.12
C MET D 212 4.65 -2.31 -26.37
N ASP D 213 3.37 -2.58 -26.10
CA ASP D 213 3.02 -3.77 -25.36
C ASP D 213 1.83 -4.44 -26.00
N ASN D 214 1.71 -5.74 -25.74
CA ASN D 214 0.60 -6.55 -26.24
C ASN D 214 -0.67 -6.14 -25.51
N MET D 215 -1.77 -5.99 -26.23
CA MET D 215 -2.98 -5.42 -25.66
C MET D 215 -3.93 -6.47 -25.11
N PHE D 216 -3.65 -7.76 -25.30
CA PHE D 216 -4.57 -8.80 -24.86
C PHE D 216 -4.16 -9.46 -23.55
N ARG D 217 -2.93 -9.29 -23.09
CA ARG D 217 -2.54 -9.79 -21.78
C ARG D 217 -1.98 -8.71 -20.87
N HIS D 218 -2.41 -7.46 -21.05
CA HIS D 218 -1.96 -6.37 -20.21
C HIS D 218 -2.98 -5.24 -20.27
N ASN D 219 -3.60 -4.93 -19.14
CA ASN D 219 -4.53 -3.81 -19.03
C ASN D 219 -3.84 -2.68 -18.29
N ASN D 220 -3.30 -1.72 -19.04
CA ASN D 220 -2.46 -0.68 -18.44
C ASN D 220 -3.26 0.48 -17.89
N LEU D 221 -4.59 0.45 -17.97
CA LEU D 221 -5.40 1.53 -17.43
C LEU D 221 -6.69 0.98 -16.86
N THR D 222 -7.18 1.62 -15.82
CA THR D 222 -8.40 1.23 -15.15
C THR D 222 -9.16 2.50 -14.80
N LEU D 223 -10.43 2.56 -15.17
CA LEU D 223 -11.27 3.73 -14.94
C LEU D 223 -12.23 3.40 -13.79
N MET D 224 -12.21 4.21 -12.74
CA MET D 224 -13.04 3.99 -11.57
C MET D 224 -13.97 5.16 -11.34
N ILE D 225 -15.24 4.85 -11.07
CA ILE D 225 -16.25 5.86 -10.77
C ILE D 225 -16.87 5.52 -9.43
N ILE D 226 -16.64 6.35 -8.42
CA ILE D 226 -17.04 6.06 -7.06
C ILE D 226 -17.90 7.20 -6.52
N PRO D 227 -19.13 6.95 -6.09
CA PRO D 227 -19.98 8.01 -5.53
C PRO D 227 -19.62 8.29 -4.07
N PHE D 228 -19.04 9.46 -3.82
CA PHE D 228 -18.66 9.80 -2.46
C PHE D 228 -19.85 10.26 -1.64
N VAL D 229 -20.63 11.21 -2.17
CA VAL D 229 -21.89 11.62 -1.58
C VAL D 229 -23.01 10.99 -2.40
N PRO D 230 -23.88 10.17 -1.81
CA PRO D 230 -24.79 9.38 -2.62
C PRO D 230 -25.91 10.20 -3.22
N LEU D 231 -26.57 9.62 -4.22
CA LEU D 231 -27.65 10.28 -4.90
C LEU D 231 -28.85 10.41 -3.98
N ASN D 232 -29.44 11.61 -3.96
CA ASN D 232 -30.58 11.86 -3.10
C ASN D 232 -31.52 12.81 -3.83
N TYR D 233 -32.82 12.60 -3.62
CA TYR D 233 -33.83 13.44 -4.23
C TYR D 233 -35.09 13.32 -3.40
N SER D 234 -35.99 14.28 -3.58
CA SER D 234 -37.27 14.27 -2.89
C SER D 234 -38.25 13.36 -3.62
N GLU D 235 -39.46 13.29 -3.09
CA GLU D 235 -40.47 12.46 -3.72
C GLU D 235 -41.17 13.23 -4.83
N GLY D 236 -41.14 12.67 -6.05
CA GLY D 236 -41.69 13.30 -7.23
C GLY D 236 -40.68 13.48 -8.34
N SER D 237 -39.40 13.64 -7.98
CA SER D 237 -38.37 13.77 -8.98
C SER D 237 -38.09 12.43 -9.65
N SER D 238 -37.31 12.48 -10.73
CA SER D 238 -37.09 11.28 -11.54
C SER D 238 -36.13 10.33 -10.84
N PRO D 239 -36.50 9.07 -10.65
CA PRO D 239 -35.65 8.15 -9.89
C PRO D 239 -34.56 7.47 -10.71
N TYR D 240 -34.72 7.40 -12.03
CA TYR D 240 -33.75 6.71 -12.88
C TYR D 240 -32.72 7.72 -13.38
N VAL D 241 -31.49 7.59 -12.89
CA VAL D 241 -30.39 8.47 -13.30
C VAL D 241 -29.27 7.62 -13.88
N PRO D 242 -29.03 7.67 -15.19
CA PRO D 242 -27.98 6.85 -15.79
C PRO D 242 -26.65 7.58 -15.94
N ILE D 243 -25.59 6.77 -16.04
CA ILE D 243 -24.23 7.24 -16.27
C ILE D 243 -23.73 6.60 -17.55
N THR D 244 -23.12 7.39 -18.42
CA THR D 244 -22.67 6.89 -19.71
C THR D 244 -21.21 7.28 -19.94
N VAL D 245 -20.40 6.32 -20.38
CA VAL D 245 -18.97 6.51 -20.58
C VAL D 245 -18.67 6.34 -22.06
N THR D 246 -17.97 7.31 -22.66
CA THR D 246 -17.49 7.22 -24.03
C THR D 246 -15.97 7.36 -24.02
N ILE D 247 -15.30 6.46 -24.74
CA ILE D 247 -13.84 6.44 -24.82
C ILE D 247 -13.46 6.56 -26.29
N ALA D 248 -12.45 7.37 -26.58
CA ALA D 248 -11.91 7.45 -27.92
C ALA D 248 -10.39 7.27 -27.88
N PRO D 249 -9.84 6.35 -28.67
CA PRO D 249 -8.39 6.23 -28.73
C PRO D 249 -7.76 7.42 -29.44
N MET D 250 -6.51 7.72 -29.09
CA MET D 250 -5.80 8.84 -29.67
C MET D 250 -4.39 8.39 -30.01
N CYS D 251 -4.00 8.58 -31.27
CA CYS D 251 -2.66 8.30 -31.79
C CYS D 251 -2.26 6.84 -31.59
N ALA D 252 -3.00 5.96 -32.25
CA ALA D 252 -2.77 4.52 -32.12
C ALA D 252 -1.97 4.00 -33.30
N GLU D 253 -1.18 2.95 -33.05
CA GLU D 253 -0.40 2.29 -34.08
C GLU D 253 -0.08 0.88 -33.62
N TYR D 254 0.18 -0.01 -34.58
CA TYR D 254 0.34 -1.42 -34.29
C TYR D 254 1.50 -2.01 -35.09
N ASN D 255 2.16 -3.02 -34.52
CA ASN D 255 3.19 -3.80 -35.21
C ASN D 255 2.89 -5.28 -35.07
N GLY D 256 3.62 -6.08 -35.85
CA GLY D 256 3.58 -7.51 -35.72
C GLY D 256 2.29 -8.15 -36.22
N LEU D 257 2.06 -8.12 -37.52
CA LEU D 257 0.84 -8.66 -38.09
C LEU D 257 0.94 -10.15 -38.25
N ARG D 258 -0.04 -10.88 -37.70
CA ARG D 258 -0.06 -12.34 -37.81
C ARG D 258 -1.53 -12.77 -37.91
N LEU D 259 -1.80 -14.06 -37.77
CA LEU D 259 -3.15 -14.60 -37.86
C LEU D 259 -4.02 -14.12 -36.69
N ALA D 260 -5.30 -14.50 -36.78
CA ALA D 260 -6.38 -13.78 -36.10
C ALA D 260 -6.39 -13.91 -34.59
N SER D 261 -6.21 -15.11 -34.04
CA SER D 261 -6.38 -15.42 -32.62
C SER D 261 -7.76 -15.02 -32.08
N GLY E 1 55.65 1.75 -0.27
CA GLY E 1 55.56 1.78 1.17
C GLY E 1 55.24 3.14 1.73
N LEU E 2 54.15 3.74 1.24
CA LEU E 2 53.71 5.03 1.74
C LEU E 2 53.11 4.87 3.12
N PRO E 3 53.59 5.61 4.13
CA PRO E 3 53.13 5.36 5.51
C PRO E 3 51.78 6.00 5.76
N VAL E 4 50.78 5.18 6.08
CA VAL E 4 49.46 5.68 6.45
C VAL E 4 49.17 5.27 7.89
N MET E 5 48.03 5.74 8.42
CA MET E 5 47.64 5.44 9.80
C MET E 5 46.13 5.50 9.88
N THR E 6 45.50 4.42 10.30
CA THR E 6 44.05 4.31 10.26
C THR E 6 43.42 4.89 11.51
N THR E 7 42.35 5.65 11.32
CA THR E 7 41.57 6.40 12.28
C THR E 7 40.44 5.54 12.83
N PRO E 8 39.84 5.91 13.97
CA PRO E 8 38.63 5.24 14.42
C PRO E 8 37.49 5.42 13.42
N GLY E 9 36.66 4.39 13.32
CA GLY E 9 35.67 4.33 12.27
C GLY E 9 36.08 3.47 11.10
N SER E 10 37.14 2.70 11.23
CA SER E 10 37.57 1.81 10.16
C SER E 10 36.86 0.47 10.27
N THR E 11 36.56 -0.12 9.11
CA THR E 11 35.86 -1.40 8.96
C THR E 11 34.53 -1.41 9.70
N GLN E 12 33.73 -0.37 9.50
CA GLN E 12 32.39 -0.32 10.04
C GLN E 12 31.39 -0.21 8.92
N PHE E 13 30.17 -0.64 9.19
CA PHE E 13 29.09 -0.58 8.23
C PHE E 13 28.05 0.40 8.77
N LEU E 14 28.20 1.66 8.41
CA LEU E 14 27.21 2.69 8.71
C LEU E 14 26.25 2.73 7.55
N THR E 15 24.96 2.59 7.83
CA THR E 15 23.98 2.34 6.77
C THR E 15 23.62 3.56 5.95
N SER E 16 24.24 4.71 6.18
CA SER E 16 23.98 5.92 5.39
C SER E 16 25.28 6.56 4.96
N ASP E 17 26.19 5.77 4.41
CA ASP E 17 27.46 6.27 3.92
C ASP E 17 27.40 6.52 2.42
N ASP E 18 28.43 7.19 1.90
CA ASP E 18 28.46 7.61 0.50
C ASP E 18 29.86 7.30 -0.01
N PHE E 19 30.05 6.07 -0.50
CA PHE E 19 31.35 5.58 -0.92
C PHE E 19 31.24 5.01 -2.32
N GLN E 20 32.39 4.63 -2.88
CA GLN E 20 32.45 3.91 -4.14
C GLN E 20 32.74 2.45 -3.86
N SER E 21 32.41 1.59 -4.81
CA SER E 21 32.47 0.16 -4.62
C SER E 21 32.70 -0.52 -5.96
N PRO E 22 33.47 -1.60 -6.00
CA PRO E 22 33.81 -2.20 -7.29
C PRO E 22 32.63 -2.93 -7.90
N SER E 23 32.46 -2.78 -9.21
CA SER E 23 31.30 -3.30 -9.90
C SER E 23 31.42 -4.81 -10.09
N ALA E 24 30.30 -5.51 -9.99
CA ALA E 24 30.28 -6.96 -10.15
C ALA E 24 30.15 -7.41 -11.59
N MET E 25 29.56 -6.59 -12.46
CA MET E 25 29.41 -6.90 -13.88
C MET E 25 30.14 -5.82 -14.68
N PRO E 26 31.36 -6.09 -15.12
CA PRO E 26 32.13 -5.05 -15.80
C PRO E 26 31.67 -4.85 -17.24
N GLN E 27 31.74 -3.59 -17.68
CA GLN E 27 31.40 -3.15 -19.04
C GLN E 27 29.96 -3.50 -19.42
N PHE E 28 29.07 -3.51 -18.44
CA PHE E 28 27.67 -3.83 -18.69
C PHE E 28 26.99 -2.68 -19.40
N ASP E 29 26.10 -3.02 -20.34
CA ASP E 29 25.42 -2.03 -21.17
C ASP E 29 23.95 -1.95 -20.77
N VAL E 30 23.57 -0.86 -20.12
CA VAL E 30 22.20 -0.70 -19.68
C VAL E 30 21.30 -0.36 -20.87
N THR E 31 20.00 -0.62 -20.70
CA THR E 31 19.04 -0.25 -21.71
C THR E 31 18.83 1.26 -21.69
N PRO E 32 18.63 1.90 -22.84
CA PRO E 32 18.54 3.36 -22.87
C PRO E 32 17.24 3.86 -22.24
N GLU E 33 17.28 5.14 -21.86
CA GLU E 33 16.20 5.75 -21.10
C GLU E 33 15.00 5.99 -22.02
N MET E 34 13.85 6.23 -21.41
CA MET E 34 12.61 6.45 -22.15
C MET E 34 11.88 7.64 -21.55
N GLN E 35 11.12 8.33 -22.38
CA GLN E 35 10.32 9.46 -21.93
C GLN E 35 9.00 8.92 -21.40
N ILE E 36 8.95 8.66 -20.11
CA ILE E 36 7.74 8.19 -19.44
C ILE E 36 7.05 9.39 -18.82
N PRO E 37 5.74 9.53 -18.96
CA PRO E 37 5.05 10.68 -18.37
C PRO E 37 4.97 10.59 -16.86
N GLY E 38 5.17 11.72 -16.19
CA GLY E 38 4.93 11.80 -14.77
C GLY E 38 6.12 11.48 -13.89
N ARG E 39 7.25 12.14 -14.15
CA ARG E 39 8.44 11.94 -13.34
C ARG E 39 8.40 12.81 -12.09
N VAL E 40 8.56 12.18 -10.94
CA VAL E 40 8.62 12.88 -9.66
C VAL E 40 10.07 13.05 -9.24
N ASN E 41 10.44 14.28 -8.86
CA ASN E 41 11.79 14.61 -8.44
C ASN E 41 11.93 14.82 -6.95
N ASN E 42 10.83 15.12 -6.26
CA ASN E 42 10.86 15.53 -4.87
C ASN E 42 9.58 15.05 -4.22
N LEU E 43 9.66 14.62 -2.96
CA LEU E 43 8.47 14.13 -2.27
C LEU E 43 7.54 15.23 -1.82
N MET E 44 7.95 16.49 -1.91
CA MET E 44 7.07 17.60 -1.60
C MET E 44 6.21 18.01 -2.78
N GLU E 45 6.16 17.19 -3.81
CA GLU E 45 5.20 17.32 -4.90
C GLU E 45 4.03 16.38 -4.75
N ILE E 46 4.21 15.29 -3.99
CA ILE E 46 3.13 14.41 -3.63
C ILE E 46 2.31 15.01 -2.49
N ALA E 47 2.97 15.76 -1.60
CA ALA E 47 2.26 16.37 -0.48
C ALA E 47 1.53 17.65 -0.87
N GLU E 48 1.67 18.11 -2.11
CA GLU E 48 0.96 19.29 -2.57
C GLU E 48 -0.33 18.96 -3.29
N VAL E 49 -0.73 17.70 -3.34
CA VAL E 49 -1.96 17.30 -4.00
C VAL E 49 -3.02 17.03 -2.93
N ASP E 50 -4.21 17.56 -3.14
CA ASP E 50 -5.27 17.50 -2.14
C ASP E 50 -5.87 16.10 -2.07
N SER E 51 -6.17 15.66 -0.86
CA SER E 51 -6.76 14.36 -0.62
C SER E 51 -7.86 14.49 0.41
N VAL E 52 -8.90 13.67 0.27
CA VAL E 52 -10.09 13.79 1.10
C VAL E 52 -9.78 13.22 2.48
N VAL E 53 -10.13 13.98 3.51
CA VAL E 53 -9.72 13.69 4.89
C VAL E 53 -10.93 13.15 5.64
N PRO E 54 -10.81 12.01 6.34
CA PRO E 54 -11.95 11.43 7.05
C PRO E 54 -12.27 12.12 8.36
N VAL E 55 -13.07 13.19 8.32
CA VAL E 55 -13.42 13.90 9.53
C VAL E 55 -14.41 13.12 10.39
N ASN E 56 -15.25 12.28 9.78
CA ASN E 56 -16.38 11.68 10.49
C ASN E 56 -16.05 10.28 10.97
N ASN E 57 -15.09 10.20 11.89
CA ASN E 57 -14.79 8.95 12.59
C ASN E 57 -15.76 8.80 13.75
N THR E 58 -16.78 7.97 13.59
CA THR E 58 -17.73 7.80 14.69
C THR E 58 -17.99 6.31 14.91
N GLU E 59 -16.92 5.52 15.03
CA GLU E 59 -16.90 4.16 15.55
C GLU E 59 -17.65 3.12 14.73
N ASP E 60 -18.40 3.53 13.71
CA ASP E 60 -19.04 2.61 12.78
C ASP E 60 -18.98 3.15 11.35
N ASN E 61 -18.34 4.29 11.15
CA ASN E 61 -18.22 4.90 9.86
C ASN E 61 -16.86 4.71 9.22
N VAL E 62 -15.89 4.16 9.94
CA VAL E 62 -14.55 4.06 9.36
C VAL E 62 -14.47 2.94 8.33
N SER E 63 -15.28 1.90 8.46
CA SER E 63 -15.35 0.85 7.44
C SER E 63 -16.56 1.09 6.53
N SER E 64 -16.60 2.28 5.95
CA SER E 64 -17.62 2.68 4.97
C SER E 64 -17.13 3.94 4.29
N LEU E 65 -17.92 4.42 3.34
CA LEU E 65 -17.63 5.69 2.68
C LEU E 65 -18.27 6.86 3.39
N LYS E 66 -18.89 6.64 4.54
CA LYS E 66 -19.51 7.72 5.29
C LYS E 66 -18.54 8.43 6.21
N ALA E 67 -17.29 8.02 6.25
CA ALA E 67 -16.31 8.72 7.07
C ALA E 67 -15.88 10.04 6.45
N TYR E 68 -16.10 10.21 5.16
CA TYR E 68 -15.62 11.41 4.48
C TYR E 68 -16.66 12.51 4.40
N GLN E 69 -17.93 12.21 4.62
CA GLN E 69 -19.01 13.17 4.46
C GLN E 69 -19.33 13.81 5.81
N ILE E 70 -19.31 15.14 5.85
CA ILE E 70 -19.66 15.90 7.04
C ILE E 70 -21.14 16.25 6.94
N PRO E 71 -21.98 15.82 7.88
CA PRO E 71 -23.42 16.06 7.75
C PRO E 71 -23.79 17.50 8.06
N VAL E 72 -24.65 18.07 7.22
CA VAL E 72 -25.09 19.44 7.34
C VAL E 72 -26.61 19.47 7.13
N GLN E 73 -27.34 20.03 8.08
CA GLN E 73 -28.79 20.05 7.99
C GLN E 73 -29.34 21.47 8.11
N SER E 74 -30.66 21.60 8.18
CA SER E 74 -31.32 22.89 8.33
C SER E 74 -31.85 23.01 9.74
N ASN E 75 -31.20 23.84 10.56
CA ASN E 75 -31.43 23.89 11.99
C ASN E 75 -32.63 24.75 12.35
N SER E 76 -32.89 24.84 13.65
CA SER E 76 -33.89 25.75 14.20
C SER E 76 -33.28 26.82 15.09
N ASP E 77 -32.17 26.54 15.76
CA ASP E 77 -31.41 27.53 16.50
C ASP E 77 -30.25 28.01 15.63
N ASN E 78 -29.37 28.82 16.20
CA ASN E 78 -28.30 29.43 15.43
C ASN E 78 -26.98 29.36 16.18
N GLY E 79 -25.89 29.27 15.41
CA GLY E 79 -24.56 29.27 15.97
C GLY E 79 -24.01 27.91 16.35
N LYS E 80 -24.55 26.84 15.80
CA LYS E 80 -24.11 25.50 16.15
C LYS E 80 -22.73 25.20 15.57
N GLN E 81 -22.15 24.08 16.00
CA GLN E 81 -20.86 23.64 15.52
C GLN E 81 -21.04 22.49 14.53
N VAL E 82 -20.30 22.53 13.44
CA VAL E 82 -20.37 21.48 12.43
C VAL E 82 -19.36 20.39 12.75
N PHE E 83 -18.07 20.75 12.83
CA PHE E 83 -17.05 19.79 13.23
C PHE E 83 -15.97 20.52 14.03
N GLY E 84 -14.90 19.80 14.33
CA GLY E 84 -13.76 20.37 15.00
C GLY E 84 -12.73 19.31 15.34
N PHE E 85 -11.46 19.59 15.09
CA PHE E 85 -10.39 18.64 15.38
C PHE E 85 -9.10 19.41 15.60
N PRO E 86 -8.20 18.92 16.44
CA PRO E 86 -6.92 19.61 16.62
C PRO E 86 -6.02 19.45 15.41
N LEU E 87 -5.05 20.34 15.31
CA LEU E 87 -4.17 20.37 14.14
C LEU E 87 -2.85 19.66 14.47
N GLN E 88 -2.89 18.34 14.32
CA GLN E 88 -1.69 17.51 14.40
C GLN E 88 -1.64 16.66 13.15
N PRO E 89 -0.85 17.03 12.14
CA PRO E 89 -0.90 16.31 10.87
C PRO E 89 -0.13 15.01 10.86
N GLY E 90 0.39 14.54 11.98
CA GLY E 90 1.09 13.28 11.98
C GLY E 90 0.74 12.42 13.18
N ALA E 91 -0.08 12.96 14.08
CA ALA E 91 -0.47 12.25 15.28
C ALA E 91 -1.97 12.16 15.48
N ASN E 92 -2.73 13.19 15.12
CA ASN E 92 -4.17 13.17 15.23
C ASN E 92 -4.74 12.27 14.14
N ASN E 93 -5.63 11.35 14.52
CA ASN E 93 -6.06 10.28 13.63
C ASN E 93 -6.98 10.75 12.50
N VAL E 94 -7.37 12.02 12.47
CA VAL E 94 -8.08 12.54 11.31
C VAL E 94 -7.13 12.75 10.15
N LEU E 95 -6.11 13.59 10.34
CA LEU E 95 -5.13 13.90 9.31
C LEU E 95 -3.99 12.90 9.24
N ASN E 96 -4.09 11.77 9.96
CA ASN E 96 -2.95 10.88 10.10
C ASN E 96 -2.72 10.06 8.84
N ARG E 97 -3.80 9.69 8.16
CA ARG E 97 -3.76 8.67 7.11
C ARG E 97 -3.82 9.29 5.71
N THR E 98 -4.06 10.58 5.61
CA THR E 98 -4.18 11.22 4.30
C THR E 98 -2.82 11.35 3.64
N LEU E 99 -2.81 11.83 2.40
CA LEU E 99 -1.62 11.87 1.57
C LEU E 99 -0.56 12.83 2.11
N LEU E 100 -0.97 13.85 2.85
CA LEU E 100 -0.04 14.69 3.58
C LEU E 100 0.48 14.00 4.83
N GLY E 101 -0.40 13.33 5.58
CA GLY E 101 -0.02 12.67 6.80
C GLY E 101 0.72 11.37 6.63
N GLU E 102 0.79 10.84 5.42
CA GLU E 102 1.59 9.65 5.16
C GLU E 102 3.01 9.99 4.75
N ILE E 103 3.24 11.23 4.30
CA ILE E 103 4.59 11.68 4.03
C ILE E 103 5.23 12.21 5.29
N LEU E 104 4.43 12.83 6.16
CA LEU E 104 4.95 13.34 7.42
C LEU E 104 5.32 12.23 8.40
N ASN E 105 4.87 11.01 8.18
CA ASN E 105 5.19 9.93 9.09
C ASN E 105 6.47 9.21 8.73
N TYR E 106 7.16 9.63 7.66
CA TYR E 106 8.51 9.20 7.40
C TYR E 106 9.53 10.18 7.96
N TYR E 107 9.12 11.38 8.33
CA TYR E 107 10.01 12.42 8.81
C TYR E 107 9.64 12.81 10.23
N THR E 108 10.51 13.56 10.87
CA THR E 108 10.34 13.96 12.27
C THR E 108 9.94 15.41 12.44
N HIS E 109 10.53 16.32 11.67
CA HIS E 109 10.24 17.73 11.77
C HIS E 109 9.43 18.18 10.56
N TRP E 110 8.63 19.22 10.73
CA TRP E 110 7.88 19.78 9.62
C TRP E 110 7.65 21.26 9.87
N SER E 111 7.53 22.03 8.79
CA SER E 111 7.27 23.45 8.92
C SER E 111 6.62 23.97 7.65
N GLY E 112 5.62 24.83 7.83
CA GLY E 112 4.97 25.50 6.73
C GLY E 112 3.49 25.65 6.96
N SER E 113 2.83 26.19 5.94
CA SER E 113 1.39 26.42 6.00
C SER E 113 0.65 25.20 5.45
N ILE E 114 -0.64 25.13 5.76
CA ILE E 114 -1.47 23.98 5.40
C ILE E 114 -2.78 24.50 4.84
N LYS E 115 -3.14 24.04 3.64
CA LYS E 115 -4.38 24.42 3.01
C LYS E 115 -5.51 23.49 3.43
N LEU E 116 -6.74 24.00 3.35
CA LEU E 116 -7.94 23.23 3.67
C LEU E 116 -9.04 23.71 2.74
N THR E 117 -9.53 22.82 1.88
CA THR E 117 -10.56 23.13 0.91
C THR E 117 -11.85 22.45 1.31
N PHE E 118 -12.98 23.10 1.03
CA PHE E 118 -14.28 22.56 1.39
C PHE E 118 -15.22 22.64 0.19
N MET E 119 -15.71 21.49 -0.26
CA MET E 119 -16.67 21.46 -1.35
C MET E 119 -18.05 21.16 -0.80
N PHE E 120 -19.04 21.94 -1.24
CA PHE E 120 -20.41 21.82 -0.75
C PHE E 120 -21.18 20.91 -1.71
N CYS E 121 -21.35 19.65 -1.32
CA CYS E 121 -22.02 18.65 -2.14
C CYS E 121 -23.51 18.59 -1.84
N GLY E 122 -24.21 19.71 -1.95
CA GLY E 122 -25.62 19.77 -1.72
C GLY E 122 -26.40 19.89 -3.01
N SER E 123 -27.61 20.42 -2.89
CA SER E 123 -28.46 20.68 -4.04
C SER E 123 -28.07 21.99 -4.69
N ALA E 124 -28.66 22.27 -5.84
CA ALA E 124 -28.37 23.51 -6.53
C ALA E 124 -29.25 24.66 -6.08
N MET E 125 -30.29 24.38 -5.30
CA MET E 125 -31.18 25.40 -4.78
C MET E 125 -30.96 25.67 -3.30
N ALA E 126 -29.95 25.06 -2.69
CA ALA E 126 -29.66 25.26 -1.29
C ALA E 126 -28.59 26.33 -1.12
N THR E 127 -28.77 27.17 -0.10
CA THR E 127 -27.87 28.26 0.23
C THR E 127 -27.22 27.98 1.58
N GLY E 128 -26.47 28.94 2.08
CA GLY E 128 -25.87 28.80 3.39
C GLY E 128 -24.60 29.61 3.52
N LYS E 129 -24.24 29.89 4.76
CA LYS E 129 -23.00 30.57 5.07
C LYS E 129 -22.36 29.91 6.27
N PHE E 130 -21.05 29.69 6.20
CA PHE E 130 -20.30 29.03 7.26
C PHE E 130 -19.16 29.91 7.72
N LEU E 131 -18.63 29.59 8.90
CA LEU E 131 -17.50 30.30 9.47
C LEU E 131 -16.39 29.31 9.77
N LEU E 132 -15.31 29.37 8.99
CA LEU E 132 -14.19 28.44 9.10
C LEU E 132 -13.09 29.12 9.90
N ALA E 133 -12.87 28.68 11.14
CA ALA E 133 -11.95 29.36 12.02
C ALA E 133 -10.76 28.48 12.37
N TYR E 134 -9.72 29.11 12.90
CA TYR E 134 -8.52 28.44 13.38
C TYR E 134 -7.96 29.24 14.54
N SER E 135 -7.74 28.59 15.67
CA SER E 135 -7.29 29.28 16.86
C SER E 135 -5.95 28.75 17.33
N PRO E 136 -4.96 29.63 17.54
CA PRO E 136 -3.66 29.18 18.05
C PRO E 136 -3.78 28.70 19.49
N PRO E 137 -2.85 27.89 19.97
CA PRO E 137 -2.99 27.32 21.31
C PRO E 137 -2.72 28.33 22.41
N GLY E 138 -2.98 27.90 23.64
CA GLY E 138 -2.79 28.75 24.80
C GLY E 138 -4.05 28.88 25.61
N ALA E 139 -5.18 29.01 24.91
CA ALA E 139 -6.48 28.89 25.53
C ALA E 139 -6.97 27.46 25.32
N GLY E 140 -8.23 27.21 25.62
CA GLY E 140 -8.83 25.92 25.37
C GLY E 140 -9.30 25.77 23.94
N VAL E 141 -10.37 25.01 23.78
CA VAL E 141 -11.06 24.90 22.50
C VAL E 141 -12.14 25.96 22.51
N PRO E 142 -12.37 26.68 21.41
CA PRO E 142 -13.49 27.63 21.37
C PRO E 142 -14.82 26.91 21.45
N LYS E 143 -15.66 27.36 22.37
CA LYS E 143 -16.94 26.71 22.63
C LYS E 143 -18.14 27.46 22.06
N ASN E 144 -17.97 28.74 21.71
CA ASN E 144 -19.03 29.52 21.11
C ASN E 144 -18.56 30.03 19.76
N ARG E 145 -19.50 30.59 19.01
CA ARG E 145 -19.10 31.34 17.82
C ARG E 145 -18.47 32.67 18.19
N LYS E 146 -18.77 33.19 19.38
CA LYS E 146 -18.14 34.41 19.84
C LYS E 146 -16.68 34.17 20.21
N ASP E 147 -16.36 32.97 20.69
CA ASP E 147 -14.99 32.67 21.06
C ASP E 147 -14.14 32.26 19.87
N ALA E 148 -14.77 31.76 18.81
CA ALA E 148 -14.03 31.33 17.63
C ALA E 148 -13.91 32.41 16.58
N MET E 149 -14.67 33.49 16.68
CA MET E 149 -14.53 34.61 15.77
C MET E 149 -13.35 35.50 16.12
N LEU E 150 -12.72 35.29 17.27
CA LEU E 150 -11.56 36.08 17.64
C LEU E 150 -10.26 35.52 17.10
N GLY E 151 -10.30 34.39 16.38
CA GLY E 151 -9.13 33.80 15.79
C GLY E 151 -8.97 34.21 14.33
N THR E 152 -8.30 33.35 13.58
CA THR E 152 -8.10 33.56 12.15
C THR E 152 -9.22 32.85 11.41
N HIS E 153 -10.20 33.59 10.90
CA HIS E 153 -11.38 32.97 10.33
C HIS E 153 -11.64 33.50 8.93
N VAL E 154 -12.58 32.85 8.25
CA VAL E 154 -13.04 33.25 6.93
C VAL E 154 -14.51 32.85 6.81
N ILE E 155 -15.31 33.73 6.22
CA ILE E 155 -16.74 33.50 6.05
C ILE E 155 -16.97 33.05 4.62
N TRP E 156 -17.62 31.91 4.45
CA TRP E 156 -17.77 31.28 3.15
C TRP E 156 -19.24 31.33 2.74
N ASP E 157 -19.48 31.92 1.57
CA ASP E 157 -20.81 32.02 0.98
C ASP E 157 -20.85 31.00 -0.16
N VAL E 158 -21.83 30.11 -0.12
CA VAL E 158 -21.97 29.12 -1.20
C VAL E 158 -22.69 29.76 -2.37
N GLY E 159 -22.59 29.14 -3.53
CA GLY E 159 -23.17 29.72 -4.73
C GLY E 159 -22.74 29.02 -6.00
N LEU E 160 -22.24 29.78 -6.97
CA LEU E 160 -21.75 29.18 -8.20
C LEU E 160 -20.44 28.44 -7.96
N GLN E 161 -19.40 29.13 -7.52
CA GLN E 161 -18.18 28.47 -7.10
C GLN E 161 -18.44 27.77 -5.77
N SER E 162 -18.26 26.46 -5.76
CA SER E 162 -18.62 25.64 -4.61
C SER E 162 -17.42 25.22 -3.77
N SER E 163 -16.37 26.02 -3.71
CA SER E 163 -15.21 25.69 -2.89
C SER E 163 -14.71 26.93 -2.18
N CYS E 164 -14.02 26.71 -1.06
CA CYS E 164 -13.38 27.79 -0.33
C CYS E 164 -12.16 27.24 0.39
N VAL E 165 -11.10 28.02 0.38
CA VAL E 165 -9.80 27.59 0.90
C VAL E 165 -9.48 28.39 2.15
N LEU E 166 -9.42 27.72 3.28
CA LEU E 166 -8.93 28.30 4.52
C LEU E 166 -7.47 27.90 4.65
N CYS E 167 -6.58 28.88 4.55
CA CYS E 167 -5.15 28.66 4.62
C CYS E 167 -4.69 29.02 6.02
N VAL E 168 -4.32 28.02 6.82
CA VAL E 168 -3.85 28.29 8.17
C VAL E 168 -2.43 28.85 8.04
N PRO E 169 -2.05 29.80 8.85
CA PRO E 169 -0.71 30.39 8.70
C PRO E 169 0.29 29.67 9.56
N TRP E 170 1.57 30.02 9.43
CA TRP E 170 2.61 29.43 10.26
C TRP E 170 2.84 30.35 11.44
N ILE E 171 2.18 30.06 12.55
CA ILE E 171 2.38 30.77 13.80
C ILE E 171 3.01 29.76 14.76
N SER E 172 4.29 29.93 15.03
CA SER E 172 4.97 29.11 16.02
C SER E 172 6.17 29.87 16.54
N GLN E 173 6.61 29.52 17.74
CA GLN E 173 7.82 30.11 18.28
C GLN E 173 9.07 29.55 17.61
N THR E 174 9.08 28.26 17.29
CA THR E 174 10.24 27.60 16.74
C THR E 174 10.14 27.49 15.23
N HIS E 175 11.28 27.19 14.60
CA HIS E 175 11.31 27.09 13.15
C HIS E 175 10.67 25.80 12.66
N TYR E 176 10.65 24.77 13.48
CA TYR E 176 10.10 23.47 13.11
C TYR E 176 9.18 22.98 14.23
N ARG E 177 8.41 21.95 13.93
CA ARG E 177 7.55 21.33 14.92
C ARG E 177 7.79 19.83 14.91
N TYR E 178 7.22 19.13 15.88
CA TYR E 178 7.37 17.69 15.97
C TYR E 178 6.17 17.00 15.34
N VAL E 179 6.44 15.93 14.60
CA VAL E 179 5.37 15.15 14.00
C VAL E 179 4.59 14.41 15.08
N VAL E 180 5.29 13.85 16.08
CA VAL E 180 4.63 13.16 17.17
C VAL E 180 3.88 14.14 18.06
N GLU E 181 3.00 13.60 18.90
CA GLU E 181 2.21 14.42 19.80
C GLU E 181 3.11 15.00 20.87
N ASP E 182 3.15 16.32 20.97
CA ASP E 182 4.00 17.01 21.94
C ASP E 182 3.24 18.19 22.51
N GLU E 183 3.32 18.37 23.83
CA GLU E 183 2.69 19.50 24.46
C GLU E 183 3.48 20.78 24.28
N TYR E 184 4.78 20.68 24.02
CA TYR E 184 5.61 21.87 23.87
C TYR E 184 5.39 22.54 22.52
N THR E 185 5.07 21.76 21.49
CA THR E 185 4.90 22.31 20.15
C THR E 185 3.50 22.06 19.62
N ALA E 186 2.48 22.36 20.41
CA ALA E 186 1.10 22.23 19.96
C ALA E 186 0.80 23.25 18.89
N ALA E 187 -0.23 22.98 18.09
CA ALA E 187 -0.51 23.79 16.91
C ALA E 187 -1.91 24.38 16.84
N GLY E 188 -2.83 23.99 17.70
CA GLY E 188 -4.12 24.64 17.75
C GLY E 188 -5.25 23.75 17.29
N TYR E 189 -6.37 24.39 16.95
CA TYR E 189 -7.62 23.72 16.66
C TYR E 189 -8.27 24.33 15.45
N VAL E 190 -9.00 23.51 14.69
CA VAL E 190 -9.69 23.94 13.48
C VAL E 190 -11.16 23.59 13.63
N THR E 191 -12.02 24.61 13.63
CA THR E 191 -13.44 24.44 13.90
C THR E 191 -14.27 25.00 12.75
N CYS E 192 -15.58 24.79 12.83
CA CYS E 192 -16.52 25.25 11.81
C CYS E 192 -17.87 25.50 12.45
N TRP E 193 -18.50 26.62 12.08
CA TRP E 193 -19.74 27.05 12.71
C TRP E 193 -20.70 27.54 11.65
N TYR E 194 -22.00 27.41 11.94
CA TYR E 194 -23.03 27.98 11.08
C TYR E 194 -23.02 29.49 11.24
N GLN E 195 -22.86 30.22 10.16
CA GLN E 195 -23.09 31.66 10.22
C GLN E 195 -24.58 31.94 10.16
N THR E 196 -25.23 31.55 9.08
CA THR E 196 -26.68 31.51 8.95
C THR E 196 -27.08 30.05 8.74
N ASN E 197 -28.35 29.82 8.43
CA ASN E 197 -28.86 28.48 8.26
C ASN E 197 -28.69 28.00 6.82
N ILE E 198 -29.08 26.74 6.59
CA ILE E 198 -29.22 26.20 5.25
C ILE E 198 -30.69 26.30 4.88
N VAL E 199 -31.03 27.20 3.96
CA VAL E 199 -32.41 27.47 3.60
C VAL E 199 -32.70 26.78 2.28
N VAL E 200 -33.66 25.86 2.29
CA VAL E 200 -33.98 25.03 1.13
C VAL E 200 -35.42 25.27 0.70
N PRO E 201 -35.75 25.16 -0.58
CA PRO E 201 -37.14 25.31 -1.01
C PRO E 201 -37.98 24.08 -0.74
N ALA E 202 -39.21 24.08 -1.24
CA ALA E 202 -40.01 22.87 -1.19
C ALA E 202 -39.47 21.84 -2.17
N ASP E 203 -39.71 20.56 -1.84
CA ASP E 203 -39.30 19.40 -2.65
C ASP E 203 -37.79 19.31 -2.84
N VAL E 204 -37.01 19.78 -1.87
CA VAL E 204 -35.57 19.60 -1.84
C VAL E 204 -35.22 18.92 -0.51
N GLN E 205 -34.37 17.90 -0.58
CA GLN E 205 -33.89 17.25 0.63
C GLN E 205 -33.01 18.20 1.42
N SER E 206 -33.27 18.30 2.72
CA SER E 206 -32.62 19.29 3.56
C SER E 206 -31.27 18.86 4.10
N SER E 207 -30.91 17.58 3.96
CA SER E 207 -29.67 17.07 4.52
C SER E 207 -28.62 17.00 3.41
N CYS E 208 -27.71 17.97 3.42
CA CYS E 208 -26.62 18.04 2.47
C CYS E 208 -25.37 17.40 3.06
N ASP E 209 -24.24 17.55 2.38
CA ASP E 209 -22.97 17.01 2.86
C ASP E 209 -21.85 17.93 2.40
N ILE E 210 -20.72 17.82 3.06
CA ILE E 210 -19.55 18.66 2.79
C ILE E 210 -18.32 17.76 2.81
N LEU E 211 -17.52 17.82 1.75
CA LEU E 211 -16.23 17.13 1.72
C LEU E 211 -15.12 18.11 2.07
N CYS E 212 -14.03 17.57 2.61
CA CYS E 212 -12.90 18.37 3.07
C CYS E 212 -11.62 17.85 2.46
N PHE E 213 -10.73 18.77 2.07
CA PHE E 213 -9.47 18.42 1.42
C PHE E 213 -8.33 19.00 2.24
N VAL E 214 -7.12 18.48 2.02
CA VAL E 214 -5.95 18.97 2.75
C VAL E 214 -4.72 18.82 1.85
N SER E 215 -3.87 19.84 1.85
CA SER E 215 -2.62 19.80 1.09
C SER E 215 -1.61 20.67 1.82
N ALA E 216 -0.54 21.02 1.11
CA ALA E 216 0.51 21.86 1.66
C ALA E 216 0.70 23.07 0.76
N CYS E 217 1.39 24.08 1.29
CA CYS E 217 1.68 25.28 0.51
C CYS E 217 3.02 25.11 -0.20
N ASN E 218 3.52 26.19 -0.78
CA ASN E 218 4.84 26.15 -1.39
C ASN E 218 5.95 26.51 -0.42
N ASP E 219 5.66 26.63 0.87
CA ASP E 219 6.66 26.85 1.89
C ASP E 219 6.80 25.68 2.84
N PHE E 220 6.31 24.51 2.45
CA PHE E 220 6.38 23.33 3.29
C PHE E 220 7.75 22.69 3.19
N SER E 221 8.17 22.03 4.27
CA SER E 221 9.49 21.44 4.36
C SER E 221 9.49 20.38 5.46
N VAL E 222 10.33 19.36 5.28
CA VAL E 222 10.43 18.26 6.24
C VAL E 222 11.90 17.96 6.49
N ARG E 223 12.15 17.14 7.50
CA ARG E 223 13.51 16.94 7.99
C ARG E 223 13.57 15.67 8.83
N MET E 224 14.77 15.10 8.94
CA MET E 224 15.12 14.00 9.85
C MET E 224 14.28 12.75 9.59
N LEU E 225 14.56 12.12 8.45
CA LEU E 225 13.85 10.94 7.99
C LEU E 225 13.99 9.77 8.97
N LYS E 226 12.89 9.07 9.21
CA LYS E 226 12.83 7.93 10.11
C LYS E 226 11.94 6.86 9.47
N ASP E 227 11.54 5.86 10.26
CA ASP E 227 10.72 4.77 9.78
C ASP E 227 9.28 4.91 10.26
N THR E 228 8.34 4.55 9.38
CA THR E 228 6.94 4.74 9.67
C THR E 228 6.45 3.69 10.67
N PRO E 229 5.54 4.08 11.58
CA PRO E 229 5.01 3.13 12.55
C PRO E 229 3.75 2.38 12.13
N PHE E 230 3.32 2.50 10.87
CA PHE E 230 2.06 1.94 10.43
C PHE E 230 2.20 0.55 9.84
N ILE E 231 3.32 0.23 9.26
CA ILE E 231 3.52 -1.10 8.69
C ILE E 231 4.18 -1.96 9.75
N ARG E 232 3.95 -3.27 9.69
CA ARG E 232 4.44 -4.18 10.71
C ARG E 232 4.60 -5.55 10.09
N GLN E 233 5.37 -6.40 10.76
CA GLN E 233 5.72 -7.71 10.23
C GLN E 233 6.11 -8.61 11.39
N ASP E 234 5.70 -9.87 11.32
CA ASP E 234 6.08 -10.86 12.31
C ASP E 234 6.97 -11.94 11.70
N THR E 235 6.51 -12.56 10.62
CA THR E 235 7.27 -13.57 9.90
C THR E 235 7.55 -13.07 8.49
N PHE E 236 8.38 -13.80 7.75
CA PHE E 236 8.64 -13.44 6.37
C PHE E 236 7.43 -13.69 5.49
N TYR E 237 7.21 -12.83 4.53
CA TYR E 237 6.13 -13.02 3.56
C TYR E 237 6.56 -14.06 2.55
N GLN E 238 5.74 -15.09 2.36
CA GLN E 238 6.05 -16.12 1.40
C GLN E 238 4.80 -16.60 0.67
N MET F 1 44.20 15.72 -12.77
CA MET F 1 43.79 14.34 -12.54
C MET F 1 42.32 14.24 -12.15
N GLY F 2 41.45 14.80 -12.99
CA GLY F 2 40.04 14.82 -12.69
C GLY F 2 39.74 15.82 -11.59
N ALA F 3 39.39 15.31 -10.41
CA ALA F 3 39.25 16.07 -9.16
C ALA F 3 38.22 17.19 -9.29
N GLN F 4 36.97 16.78 -9.48
CA GLN F 4 35.86 17.72 -9.47
C GLN F 4 35.71 18.33 -8.08
N VAL F 5 35.98 19.62 -7.97
CA VAL F 5 35.88 20.35 -6.70
C VAL F 5 34.53 21.04 -6.67
N SER F 6 33.61 20.50 -5.86
CA SER F 6 32.27 21.05 -5.72
C SER F 6 32.16 21.74 -4.37
N THR F 7 30.95 22.20 -4.06
CA THR F 7 30.71 22.85 -2.79
C THR F 7 30.06 21.89 -1.81
N GLN F 8 30.10 22.26 -0.53
CA GLN F 8 29.57 21.44 0.54
C GLN F 8 28.20 21.96 0.97
N LYS F 9 27.52 21.17 1.79
CA LYS F 9 26.22 21.55 2.31
C LYS F 9 26.39 22.33 3.61
N THR F 10 26.02 23.61 3.58
CA THR F 10 26.20 24.49 4.73
C THR F 10 24.91 25.25 4.99
N GLY F 11 24.83 25.87 6.17
CA GLY F 11 23.68 26.65 6.57
C GLY F 11 23.85 28.13 6.24
N ALA F 12 22.89 28.92 6.71
CA ALA F 12 22.89 30.35 6.41
C ALA F 12 22.46 31.18 7.61
N ILE F 25 32.49 26.45 1.25
CA ILE F 25 33.46 25.45 1.63
C ILE F 25 33.48 24.37 0.56
N HIS F 26 34.66 23.97 0.10
CA HIS F 26 34.79 23.06 -1.02
C HIS F 26 35.20 21.67 -0.54
N TYR F 27 34.90 20.67 -1.37
CA TYR F 27 35.37 19.31 -1.15
C TYR F 27 35.79 18.72 -2.49
N THR F 28 36.51 17.60 -2.42
CA THR F 28 37.16 17.03 -3.60
C THR F 28 36.85 15.55 -3.71
N ASN F 29 36.52 15.09 -4.91
CA ASN F 29 36.39 13.67 -5.17
C ASN F 29 36.96 13.33 -6.53
N ILE F 30 37.51 12.12 -6.64
CA ILE F 30 37.98 11.54 -7.89
C ILE F 30 37.26 10.21 -8.06
N ASN F 31 37.01 9.83 -9.31
CA ASN F 31 36.48 8.51 -9.61
C ASN F 31 37.65 7.57 -9.90
N TYR F 32 37.57 6.35 -9.38
CA TYR F 32 38.65 5.39 -9.55
C TYR F 32 38.31 4.22 -10.45
N TYR F 33 37.04 3.93 -10.66
CA TYR F 33 36.64 2.72 -11.37
C TYR F 33 36.12 3.05 -12.75
N LYS F 34 36.13 2.04 -13.63
CA LYS F 34 35.85 2.23 -15.04
C LYS F 34 34.37 2.21 -15.38
N ASP F 35 33.51 1.81 -14.46
CA ASP F 35 32.09 1.70 -14.72
C ASP F 35 31.35 2.87 -14.08
N ALA F 36 30.36 3.40 -14.78
CA ALA F 36 29.60 4.53 -14.27
C ALA F 36 28.63 4.16 -13.16
N ALA F 37 28.31 2.88 -13.01
CA ALA F 37 27.41 2.41 -11.97
C ALA F 37 28.13 2.09 -10.68
N SER F 38 29.33 2.63 -10.48
CA SER F 38 30.10 2.36 -9.27
C SER F 38 30.46 3.64 -8.54
N ASN F 39 29.95 4.79 -8.97
CA ASN F 39 30.28 6.06 -8.35
C ASN F 39 29.52 6.23 -7.05
N SER F 40 29.62 7.43 -6.49
CA SER F 40 28.85 7.77 -5.31
C SER F 40 27.41 8.09 -5.71
N ALA F 41 26.55 8.23 -4.71
CA ALA F 41 25.22 8.75 -4.97
C ALA F 41 25.31 10.24 -5.31
N ASN F 42 24.28 10.75 -5.99
CA ASN F 42 24.31 12.13 -6.44
C ASN F 42 24.13 13.09 -5.26
N ARG F 43 22.96 13.03 -4.62
CA ARG F 43 22.60 13.69 -3.35
C ARG F 43 22.65 15.21 -3.40
N GLN F 44 22.93 15.84 -4.55
CA GLN F 44 23.05 17.28 -4.60
C GLN F 44 22.43 17.83 -5.88
N ASP F 45 21.53 17.09 -6.49
CA ASP F 45 20.77 17.55 -7.65
C ASP F 45 19.35 17.80 -7.18
N PHE F 46 19.01 19.07 -6.98
CA PHE F 46 17.70 19.48 -6.47
C PHE F 46 16.91 20.09 -7.61
N THR F 47 15.84 19.43 -8.02
CA THR F 47 14.96 19.92 -9.06
C THR F 47 13.52 19.75 -8.60
N GLN F 48 12.66 20.69 -8.97
CA GLN F 48 11.25 20.64 -8.59
C GLN F 48 10.41 21.09 -9.77
N ASP F 49 9.52 20.21 -10.22
CA ASP F 49 8.53 20.55 -11.26
C ASP F 49 7.16 20.10 -10.77
N PRO F 50 6.53 20.87 -9.89
CA PRO F 50 5.26 20.43 -9.30
C PRO F 50 4.03 20.77 -10.11
N GLY F 51 4.18 21.38 -11.28
CA GLY F 51 3.02 21.77 -12.06
C GLY F 51 2.28 20.63 -12.71
N LYS F 52 2.92 19.48 -12.88
CA LYS F 52 2.28 18.37 -13.57
C LYS F 52 1.35 17.57 -12.66
N PHE F 53 1.37 17.83 -11.35
CA PHE F 53 0.48 17.16 -10.42
C PHE F 53 -0.57 18.08 -9.82
N THR F 54 -0.24 19.35 -9.59
CA THR F 54 -1.16 20.28 -8.97
C THR F 54 -2.03 21.02 -9.96
N GLU F 55 -1.52 21.35 -11.14
CA GLU F 55 -2.32 21.91 -12.23
C GLU F 55 -2.19 21.06 -13.49
N PRO F 56 -2.83 19.88 -13.52
CA PRO F 56 -2.77 19.01 -14.70
C PRO F 56 -3.89 19.35 -15.70
N VAL F 57 -4.05 20.62 -16.00
CA VAL F 57 -5.23 21.12 -16.68
C VAL F 57 -4.80 21.71 -18.02
N LYS F 58 -5.72 21.77 -18.97
CA LYS F 58 -5.38 22.27 -20.29
C LYS F 58 -5.45 23.80 -20.33
N ASP F 59 -6.64 24.35 -20.10
CA ASP F 59 -6.81 25.80 -20.10
C ASP F 59 -6.35 26.32 -18.75
N ILE F 60 -5.31 27.17 -18.77
CA ILE F 60 -4.72 27.65 -17.52
C ILE F 60 -5.66 28.66 -16.88
N MET F 61 -5.61 28.75 -15.56
CA MET F 61 -6.51 29.59 -14.80
C MET F 61 -5.74 30.56 -13.91
N VAL F 62 -6.11 31.82 -13.98
CA VAL F 62 -5.55 32.90 -13.17
C VAL F 62 -6.08 32.71 -11.75
N LYS F 63 -5.21 32.98 -10.77
CA LYS F 63 -5.57 32.80 -9.36
C LYS F 63 -6.69 33.73 -8.93
N THR F 64 -6.60 35.02 -9.25
CA THR F 64 -7.61 35.97 -8.80
C THR F 64 -8.90 35.90 -9.60
N MET F 65 -8.85 35.39 -10.83
CA MET F 65 -10.03 35.17 -11.65
C MET F 65 -10.86 34.03 -11.06
N PRO F 66 -12.18 34.10 -11.15
CA PRO F 66 -13.00 32.94 -10.79
C PRO F 66 -12.74 31.76 -11.72
N ALA F 67 -12.93 30.56 -11.17
CA ALA F 67 -12.52 29.36 -11.89
C ALA F 67 -13.47 29.06 -13.04
N LEU F 68 -14.74 29.40 -12.90
CA LEU F 68 -15.75 29.12 -13.90
C LEU F 68 -16.36 30.42 -14.40
N ASN F 69 -16.35 30.62 -15.71
CA ASN F 69 -16.83 31.86 -16.29
C ASN F 69 -18.35 31.90 -16.35
C1 PLM G . 11.47 -4.61 -8.49
O1 PLM G . 11.36 -3.51 -7.89
O2 PLM G . 10.55 -5.39 -8.87
C2 PLM G . 12.95 -5.04 -8.81
C3 PLM G . 13.85 -5.34 -7.59
C4 PLM G . 15.34 -5.06 -7.82
C5 PLM G . 16.17 -6.27 -8.25
C6 PLM G . 17.67 -6.00 -8.30
C7 PLM G . 18.49 -7.17 -8.83
C8 PLM G . 19.55 -7.68 -7.85
C9 PLM G . 20.75 -8.38 -8.51
CA PLM G . 21.62 -9.12 -7.50
CB PLM G . 23.11 -9.20 -7.87
CC PLM G . 23.88 -10.18 -6.98
CD PLM G . 25.41 -10.16 -7.17
CE PLM G . 26.13 -11.02 -6.12
CF PLM G . 27.63 -11.16 -6.35
CG PLM G . 28.43 -10.02 -5.70
#